data_5QJB
#
_entry.id   5QJB
#
_cell.length_a   49.598
_cell.length_b   60.134
_cell.length_c   79.856
_cell.angle_alpha   79.310
_cell.angle_beta   80.900
_cell.angle_gamma   75.370
#
_symmetry.space_group_name_H-M   'P 1'
#
loop_
_entity.id
_entity.type
_entity.pdbx_description
1 polymer 'ADP-sugar pyrophosphatase'
2 non-polymer 'MAGNESIUM ION'
3 non-polymer 'CHLORIDE ION'
4 non-polymer 5-chloro-N-methyl-N-{[(3R)-oxolan-3-yl]methyl}pyrimidin-4-amine
5 non-polymer 1,2-ETHANEDIOL
6 water water
#
_entity_poly.entity_id   1
_entity_poly.type   'polypeptide(L)'
_entity_poly.pdbx_seq_one_letter_code
;SMESQEPTESSQNGKQYIISEELISEGKWVKLEKTTYMDPTGKTRTWESVKRTTRKEQTADGVAVIPVLQRTLHYECIVL
VKQFRPPMGGYCIEFPAGLIDDGETPEAAALRELEEETGYKGDIAECSPAVCMDPGLSNCTIHIVTVTINGDDAENARPK
PKPGDGEFVEVISLPKNDLLQRLDALVAEEHLTVDARVYSYALALKHAN
;
_entity_poly.pdbx_strand_id   A,B,C,D
#
loop_
_chem_comp.id
_chem_comp.type
_chem_comp.name
_chem_comp.formula
CL non-polymer 'CHLORIDE ION' 'Cl -1'
EDO non-polymer 1,2-ETHANEDIOL 'C2 H6 O2'
K07 non-polymer 5-chloro-N-methyl-N-{[(3R)-oxolan-3-yl]methyl}pyrimidin-4-amine 'C10 H14 Cl N3 O'
MG non-polymer 'MAGNESIUM ION' 'Mg 2'
#
# COMPACT_ATOMS: atom_id res chain seq x y z
N LYS A 15 38.50 -16.10 -22.85
CA LYS A 15 39.66 -15.28 -22.44
C LYS A 15 40.05 -15.47 -20.99
N GLN A 16 39.08 -15.57 -20.07
CA GLN A 16 39.44 -15.74 -18.64
C GLN A 16 38.95 -17.09 -18.14
N TYR A 17 39.81 -17.77 -17.40
CA TYR A 17 39.48 -19.10 -16.87
C TYR A 17 40.25 -19.29 -15.58
N ILE A 18 39.86 -20.33 -14.85
CA ILE A 18 40.47 -20.61 -13.54
C ILE A 18 41.69 -21.44 -13.85
N ILE A 19 42.81 -21.13 -13.22
CA ILE A 19 44.06 -21.94 -13.28
C ILE A 19 44.16 -22.96 -12.13
N SER A 20 43.89 -22.51 -10.91
CA SER A 20 44.00 -23.39 -9.76
C SER A 20 43.16 -22.82 -8.63
N GLU A 21 42.72 -23.71 -7.73
CA GLU A 21 41.99 -23.32 -6.52
C GLU A 21 42.61 -24.00 -5.29
N GLU A 22 43.14 -23.19 -4.37
CA GLU A 22 43.93 -23.63 -3.22
C GLU A 22 43.15 -23.35 -1.95
N LEU A 23 42.90 -24.40 -1.17
CA LEU A 23 42.24 -24.19 0.11
C LEU A 23 43.06 -23.24 1.01
N ILE A 24 42.41 -22.28 1.64
CA ILE A 24 43.02 -21.46 2.67
C ILE A 24 42.53 -22.02 4.02
N SER A 25 41.21 -22.01 4.25
CA SER A 25 40.63 -22.44 5.54
C SER A 25 39.32 -23.16 5.28
N GLU A 26 39.13 -24.40 5.75
CA GLU A 26 37.85 -25.10 5.60
C GLU A 26 37.11 -25.28 6.92
N GLY A 27 35.93 -24.66 7.03
CA GLY A 27 35.07 -24.81 8.20
C GLY A 27 34.15 -26.00 8.02
N LYS A 28 33.20 -26.11 8.93
CA LYS A 28 32.17 -27.13 8.84
C LYS A 28 31.16 -26.82 7.72
N TRP A 29 30.93 -25.52 7.50
CA TRP A 29 29.92 -25.03 6.56
C TRP A 29 30.44 -24.17 5.40
N VAL A 30 31.58 -23.49 5.64
CA VAL A 30 32.09 -22.42 4.79
C VAL A 30 33.61 -22.56 4.70
N LYS A 31 34.13 -22.39 3.47
CA LYS A 31 35.56 -22.43 3.21
C LYS A 31 36.03 -21.23 2.41
N LEU A 32 37.33 -20.96 2.51
CA LEU A 32 37.95 -19.84 1.85
C LEU A 32 39.04 -20.43 0.95
N GLU A 33 39.06 -20.02 -0.33
CA GLU A 33 40.04 -20.50 -1.30
C GLU A 33 40.84 -19.35 -1.88
N LYS A 34 42.09 -19.66 -2.27
CA LYS A 34 42.95 -18.75 -3.07
C LYS A 34 42.75 -19.20 -4.50
N THR A 35 42.12 -18.38 -5.30
CA THR A 35 41.80 -18.73 -6.67
C THR A 35 42.83 -18.12 -7.60
N THR A 36 43.34 -18.89 -8.58
CA THR A 36 44.24 -18.36 -9.60
C THR A 36 43.59 -18.42 -10.95
N TYR A 37 43.60 -17.29 -11.60
CA TYR A 37 42.94 -17.12 -12.84
C TYR A 37 43.79 -16.35 -13.82
N MET A 38 43.49 -16.61 -15.09
CA MET A 38 44.03 -15.86 -16.22
C MET A 38 43.18 -14.64 -16.57
N ASP A 39 43.84 -13.49 -16.65
CA ASP A 39 43.14 -12.24 -16.99
C ASP A 39 43.11 -12.07 -18.52
N PRO A 40 42.32 -11.12 -19.00
CA PRO A 40 42.16 -11.00 -20.45
C PRO A 40 43.36 -10.38 -21.19
N THR A 41 44.33 -9.79 -20.46
CA THR A 41 45.63 -9.40 -21.04
C THR A 41 46.63 -10.59 -21.07
N GLY A 42 46.20 -11.79 -20.67
CA GLY A 42 47.05 -12.98 -20.65
C GLY A 42 47.95 -13.09 -19.42
N LYS A 43 47.71 -12.24 -18.43
CA LYS A 43 48.44 -12.20 -17.16
C LYS A 43 47.69 -13.00 -16.08
N THR A 44 48.46 -13.78 -15.31
CA THR A 44 47.94 -14.53 -14.15
C THR A 44 47.62 -13.60 -12.95
N ARG A 45 46.49 -13.85 -12.29
CA ARG A 45 46.05 -13.10 -11.09
C ARG A 45 45.37 -14.02 -10.05
N THR A 46 45.24 -13.52 -8.83
CA THR A 46 44.60 -14.27 -7.76
C THR A 46 43.40 -13.55 -7.16
N TRP A 47 42.55 -14.33 -6.50
CA TRP A 47 41.34 -13.83 -5.86
C TRP A 47 41.04 -14.66 -4.62
N GLU A 48 40.52 -14.03 -3.58
CA GLU A 48 40.08 -14.72 -2.37
C GLU A 48 38.58 -15.03 -2.54
N SER A 49 38.24 -16.30 -2.55
CA SER A 49 36.92 -16.79 -2.93
C SER A 49 36.31 -17.54 -1.76
N VAL A 50 35.04 -17.27 -1.51
CA VAL A 50 34.25 -18.04 -0.54
C VAL A 50 33.44 -19.11 -1.19
N LYS A 51 33.38 -20.28 -0.58
CA LYS A 51 32.44 -21.31 -1.03
C LYS A 51 31.80 -22.05 0.15
N ARG A 52 30.65 -22.67 -0.08
CA ARG A 52 30.09 -23.59 0.92
C ARG A 52 30.70 -24.96 0.76
N THR A 53 30.71 -25.70 1.86
CA THR A 53 31.15 -27.08 1.92
C THR A 53 30.01 -28.08 1.64
N THR A 54 28.79 -27.58 1.50
CA THR A 54 27.57 -28.37 1.49
C THR A 54 27.04 -28.75 0.13
N ARG A 55 27.70 -28.29 -0.95
CA ARG A 55 27.16 -28.47 -2.29
C ARG A 55 27.73 -29.74 -2.83
N LYS A 56 26.90 -30.57 -3.44
CA LYS A 56 27.35 -31.84 -3.96
C LYS A 56 27.00 -31.90 -5.46
N GLU A 57 25.84 -32.47 -5.78
CA GLU A 57 25.36 -32.56 -7.16
C GLU A 57 24.19 -31.60 -7.37
N GLN A 58 23.86 -30.81 -6.35
CA GLN A 58 22.80 -29.85 -6.50
C GLN A 58 23.17 -28.84 -7.59
N THR A 59 22.20 -28.46 -8.40
CA THR A 59 22.40 -27.47 -9.48
C THR A 59 22.63 -26.04 -8.94
N ALA A 60 22.37 -25.85 -7.65
CA ALA A 60 22.71 -24.65 -6.92
C ALA A 60 22.73 -25.02 -5.46
N ASP A 61 23.29 -24.15 -4.63
CA ASP A 61 23.32 -24.37 -3.19
C ASP A 61 21.93 -24.38 -2.56
N GLY A 62 21.11 -23.43 -2.99
CA GLY A 62 19.87 -23.16 -2.29
C GLY A 62 18.72 -22.71 -3.18
N VAL A 63 17.61 -22.43 -2.47
CA VAL A 63 16.45 -21.83 -3.11
C VAL A 63 16.01 -20.64 -2.33
N ALA A 64 15.42 -19.71 -3.05
CA ALA A 64 14.61 -18.65 -2.46
C ALA A 64 13.24 -18.67 -3.16
N VAL A 65 12.20 -18.47 -2.38
CA VAL A 65 10.83 -18.63 -2.83
C VAL A 65 10.20 -17.23 -2.86
N ILE A 66 9.67 -16.90 -4.03
CA ILE A 66 8.82 -15.72 -4.19
C ILE A 66 7.37 -16.24 -4.03
N PRO A 67 6.75 -16.03 -2.88
CA PRO A 67 5.47 -16.67 -2.63
C PRO A 67 4.32 -15.70 -2.73
N VAL A 68 3.49 -15.88 -3.75
CA VAL A 68 2.40 -14.95 -4.02
C VAL A 68 1.10 -15.45 -3.38
N LEU A 69 0.71 -14.82 -2.28
CA LEU A 69 -0.45 -15.25 -1.60
C LEU A 69 -1.67 -14.68 -2.26
N GLN A 70 -2.58 -15.57 -2.72
CA GLN A 70 -3.78 -15.19 -3.53
C GLN A 70 -5.05 -15.59 -2.81
N ARG A 71 -6.01 -14.67 -2.82
CA ARG A 71 -7.20 -14.80 -1.98
C ARG A 71 -8.28 -13.98 -2.59
N THR A 72 -9.39 -14.61 -3.00
CA THR A 72 -10.54 -13.84 -3.50
C THR A 72 -10.83 -12.54 -2.67
N LEU A 73 -11.00 -11.42 -3.37
CA LEU A 73 -11.30 -10.10 -2.73
C LEU A 73 -10.22 -9.66 -1.69
N HIS A 74 -8.99 -10.08 -1.98
CA HIS A 74 -7.76 -9.54 -1.33
C HIS A 74 -6.81 -9.13 -2.41
N TYR A 75 -6.03 -8.08 -2.13
CA TYR A 75 -4.92 -7.81 -2.96
C TYR A 75 -3.90 -8.91 -2.69
N GLU A 76 -3.19 -9.29 -3.73
CA GLU A 76 -2.13 -10.32 -3.67
C GLU A 76 -1.08 -9.89 -2.70
N CYS A 77 -0.62 -10.80 -1.82
CA CYS A 77 0.51 -10.49 -0.93
C CYS A 77 1.74 -11.26 -1.25
N ILE A 78 2.88 -10.68 -0.92
CA ILE A 78 4.22 -11.36 -1.00
C ILE A 78 4.55 -11.79 0.38
N VAL A 79 4.80 -13.08 0.57
CA VAL A 79 5.05 -13.63 1.88
C VAL A 79 6.54 -13.60 2.19
N LEU A 80 6.91 -12.87 3.22
CA LEU A 80 8.29 -12.72 3.61
C LEU A 80 8.51 -13.27 4.98
N VAL A 81 9.78 -13.47 5.32
CA VAL A 81 10.11 -13.98 6.65
C VAL A 81 11.16 -13.13 7.30
N LYS A 82 11.09 -13.05 8.64
CA LYS A 82 12.01 -12.23 9.46
C LYS A 82 12.69 -13.16 10.45
N GLN A 83 14.01 -13.09 10.46
CA GLN A 83 14.84 -14.02 11.19
C GLN A 83 16.07 -13.29 11.64
N PHE A 84 16.61 -13.76 12.75
CA PHE A 84 17.94 -13.35 13.18
C PHE A 84 18.98 -14.08 12.28
N ARG A 85 19.95 -13.32 11.84
CA ARG A 85 21.00 -13.80 10.97
C ARG A 85 22.31 -13.51 11.68
N PRO A 86 22.95 -14.58 12.17
CA PRO A 86 24.15 -14.33 12.91
C PRO A 86 25.24 -13.59 12.12
N PRO A 87 25.47 -13.88 10.81
CA PRO A 87 26.45 -13.03 10.08
C PRO A 87 26.16 -11.53 10.06
N MET A 88 24.89 -11.15 9.99
CA MET A 88 24.49 -9.76 10.09
C MET A 88 24.46 -9.17 11.51
N GLY A 89 24.52 -10.00 12.54
CA GLY A 89 24.21 -9.57 13.94
C GLY A 89 22.88 -8.86 14.13
N GLY A 90 21.86 -9.33 13.42
CA GLY A 90 20.58 -8.70 13.48
C GLY A 90 19.51 -9.44 12.70
N TYR A 91 18.34 -8.84 12.73
CA TYR A 91 17.15 -9.35 12.08
C TYR A 91 17.08 -8.89 10.62
N CYS A 92 16.67 -9.81 9.74
CA CYS A 92 16.64 -9.55 8.31
C CYS A 92 15.30 -9.96 7.76
N ILE A 93 14.84 -9.22 6.75
CA ILE A 93 13.59 -9.61 6.01
C ILE A 93 13.95 -10.15 4.64
N GLU A 94 13.51 -11.37 4.38
CA GLU A 94 13.96 -12.10 3.20
C GLU A 94 12.80 -12.90 2.60
N PHE A 95 12.97 -13.28 1.34
CA PHE A 95 12.17 -14.34 0.77
C PHE A 95 12.43 -15.63 1.59
N PRO A 96 11.41 -16.47 1.78
CA PRO A 96 11.65 -17.78 2.40
C PRO A 96 12.69 -18.55 1.58
N ALA A 97 13.60 -19.23 2.24
CA ALA A 97 14.78 -19.78 1.58
C ALA A 97 15.42 -20.82 2.42
N GLY A 98 16.12 -21.75 1.77
CA GLY A 98 16.98 -22.75 2.46
C GLY A 98 17.87 -23.48 1.48
N LEU A 99 18.83 -24.25 1.96
CA LEU A 99 19.66 -25.02 1.04
C LEU A 99 18.90 -26.25 0.48
N ILE A 100 19.33 -26.72 -0.70
CA ILE A 100 18.71 -27.83 -1.35
C ILE A 100 19.31 -29.09 -0.70
N ASP A 101 18.46 -29.97 -0.15
CA ASP A 101 18.98 -31.28 0.38
C ASP A 101 19.58 -32.12 -0.75
N ASP A 102 20.54 -33.00 -0.42
CA ASP A 102 21.13 -33.86 -1.47
C ASP A 102 19.99 -34.71 -2.06
N GLY A 103 19.91 -34.78 -3.39
CA GLY A 103 18.88 -35.56 -4.04
C GLY A 103 17.56 -34.86 -4.26
N GLU A 104 17.39 -33.69 -3.64
CA GLU A 104 16.15 -32.95 -3.73
C GLU A 104 16.17 -32.05 -4.97
N THR A 105 15.01 -31.88 -5.60
CA THR A 105 14.89 -30.94 -6.74
C THR A 105 14.76 -29.48 -6.18
N PRO A 106 15.10 -28.46 -6.99
CA PRO A 106 14.87 -27.08 -6.46
C PRO A 106 13.37 -26.84 -6.11
N GLU A 107 12.47 -27.35 -6.92
CA GLU A 107 11.04 -27.15 -6.72
C GLU A 107 10.53 -27.78 -5.42
N ALA A 108 10.81 -29.07 -5.26
CA ALA A 108 10.68 -29.72 -3.92
C ALA A 108 11.31 -28.94 -2.75
N ALA A 109 12.56 -28.50 -2.86
CA ALA A 109 13.19 -27.69 -1.81
C ALA A 109 12.40 -26.40 -1.47
N ALA A 110 11.98 -25.69 -2.51
CA ALA A 110 11.16 -24.45 -2.39
C ALA A 110 9.84 -24.69 -1.67
N LEU A 111 9.12 -25.74 -2.06
CA LEU A 111 7.81 -25.99 -1.45
C LEU A 111 7.99 -26.43 -0.02
N ARG A 112 9.03 -27.20 0.25
CA ARG A 112 9.36 -27.67 1.59
C ARG A 112 9.76 -26.52 2.50
N GLU A 113 10.74 -25.72 2.06
CA GLU A 113 11.15 -24.55 2.82
C GLU A 113 10.03 -23.54 3.01
N LEU A 114 9.19 -23.32 2.00
CA LEU A 114 8.01 -22.45 2.17
C LEU A 114 7.10 -22.96 3.29
N GLU A 115 6.81 -24.26 3.26
CA GLU A 115 5.98 -24.84 4.29
C GLU A 115 6.60 -24.79 5.68
N GLU A 116 7.89 -25.14 5.78
CA GLU A 116 8.60 -25.14 7.05
C GLU A 116 8.68 -23.76 7.64
N GLU A 117 8.94 -22.74 6.82
CA GLU A 117 9.19 -21.39 7.33
C GLU A 117 7.95 -20.53 7.54
N THR A 118 6.88 -20.85 6.81
CA THR A 118 5.65 -20.09 6.89
C THR A 118 4.38 -20.84 7.23
N GLY A 119 4.40 -22.17 7.11
CA GLY A 119 3.18 -22.94 7.17
C GLY A 119 2.39 -23.09 5.88
N TYR A 120 2.64 -22.26 4.89
CA TYR A 120 1.86 -22.30 3.66
C TYR A 120 2.22 -23.43 2.70
N LYS A 121 1.19 -24.03 2.13
CA LYS A 121 1.37 -25.03 1.07
C LYS A 121 1.16 -24.37 -0.24
N GLY A 122 2.27 -24.24 -0.97
CA GLY A 122 2.23 -23.59 -2.26
C GLY A 122 2.07 -24.48 -3.46
N ASP A 123 1.89 -23.84 -4.61
CA ASP A 123 1.89 -24.48 -5.95
C ASP A 123 2.99 -23.86 -6.82
N ILE A 124 3.85 -24.67 -7.44
CA ILE A 124 4.92 -24.18 -8.25
C ILE A 124 4.39 -23.34 -9.41
N ALA A 125 4.97 -22.16 -9.63
CA ALA A 125 4.65 -21.36 -10.85
C ALA A 125 5.79 -21.38 -11.85
N GLU A 126 7.01 -21.07 -11.41
CA GLU A 126 8.19 -21.06 -12.28
C GLU A 126 9.43 -21.21 -11.43
N CYS A 127 10.51 -21.60 -12.08
CA CYS A 127 11.76 -21.88 -11.37
C CYS A 127 12.86 -21.37 -12.27
N SER A 128 13.68 -20.48 -11.71
CA SER A 128 14.77 -19.84 -12.45
C SER A 128 15.92 -20.80 -12.66
N PRO A 129 16.76 -20.53 -13.67
CA PRO A 129 18.13 -21.09 -13.58
C PRO A 129 18.91 -20.68 -12.30
N ALA A 130 19.98 -21.40 -12.02
CA ALA A 130 20.92 -21.03 -10.99
C ALA A 130 21.40 -19.58 -11.17
N VAL A 131 21.13 -18.78 -10.18
CA VAL A 131 21.60 -17.37 -10.13
C VAL A 131 22.57 -17.12 -8.98
N CYS A 132 23.50 -16.18 -9.20
CA CYS A 132 24.63 -15.99 -8.28
C CYS A 132 24.32 -14.95 -7.14
N MET A 133 24.62 -15.37 -5.95
CA MET A 133 24.35 -14.56 -4.78
C MET A 133 25.22 -13.33 -4.57
N ASP A 134 26.53 -13.44 -4.67
CA ASP A 134 27.45 -12.31 -4.46
C ASP A 134 28.76 -12.72 -5.18
N PRO A 135 28.74 -12.68 -6.54
CA PRO A 135 29.71 -13.35 -7.37
C PRO A 135 31.14 -12.79 -7.29
N GLY A 136 31.30 -11.58 -6.84
CA GLY A 136 32.66 -11.05 -6.60
C GLY A 136 33.30 -11.60 -5.34
N LEU A 137 32.50 -12.29 -4.51
CA LEU A 137 32.90 -12.84 -3.22
C LEU A 137 32.85 -14.38 -3.14
N SER A 138 31.73 -14.96 -3.57
CA SER A 138 31.45 -16.38 -3.49
C SER A 138 30.92 -17.04 -4.75
N ASN A 139 30.94 -18.37 -4.74
CA ASN A 139 30.32 -19.15 -5.79
C ASN A 139 28.87 -19.46 -5.43
N CYS A 140 28.31 -18.86 -4.41
CA CYS A 140 26.98 -19.28 -3.94
C CYS A 140 25.94 -18.94 -4.97
N THR A 141 25.06 -19.93 -5.21
CA THR A 141 23.99 -19.82 -6.14
C THR A 141 22.69 -20.27 -5.51
N ILE A 142 21.61 -19.73 -6.06
CA ILE A 142 20.26 -20.26 -5.79
C ILE A 142 19.42 -20.42 -7.01
N HIS A 143 18.30 -21.17 -6.89
CA HIS A 143 17.20 -21.05 -7.81
C HIS A 143 16.13 -20.19 -7.12
N ILE A 144 15.61 -19.25 -7.89
CA ILE A 144 14.52 -18.42 -7.46
C ILE A 144 13.26 -19.08 -7.95
N VAL A 145 12.42 -19.53 -7.02
CA VAL A 145 11.22 -20.29 -7.37
C VAL A 145 10.04 -19.49 -6.99
N THR A 146 9.21 -19.15 -7.98
CA THR A 146 7.95 -18.44 -7.79
C THR A 146 6.88 -19.48 -7.54
N VAL A 147 6.08 -19.24 -6.52
CA VAL A 147 5.10 -20.14 -6.05
C VAL A 147 3.86 -19.34 -5.73
N THR A 148 2.70 -19.86 -6.11
CA THR A 148 1.43 -19.26 -5.77
C THR A 148 0.86 -20.02 -4.55
N ILE A 149 0.20 -19.30 -3.66
CA ILE A 149 -0.37 -19.88 -2.51
C ILE A 149 -1.87 -19.58 -2.64
N ASN A 150 -2.69 -20.65 -2.58
CA ASN A 150 -4.15 -20.48 -2.74
C ASN A 150 -4.62 -20.24 -1.33
N GLY A 151 -4.76 -18.96 -0.96
CA GLY A 151 -5.12 -18.64 0.42
C GLY A 151 -6.58 -18.94 0.77
N ASP A 152 -7.37 -19.26 -0.25
CA ASP A 152 -8.76 -19.76 -0.09
C ASP A 152 -8.87 -21.25 0.23
N ASP A 153 -7.77 -22.01 0.14
CA ASP A 153 -7.77 -23.40 0.52
C ASP A 153 -7.69 -23.55 2.04
N ALA A 154 -8.43 -24.51 2.59
CA ALA A 154 -8.45 -24.72 4.03
C ALA A 154 -7.09 -25.15 4.63
N GLU A 155 -6.24 -25.79 3.81
CA GLU A 155 -4.88 -26.12 4.22
C GLU A 155 -4.03 -24.89 4.54
N ASN A 156 -4.40 -23.74 3.98
CA ASN A 156 -3.68 -22.48 4.17
C ASN A 156 -4.46 -21.49 5.00
N ALA A 157 -5.38 -21.98 5.83
CA ALA A 157 -6.24 -21.11 6.63
C ALA A 157 -5.46 -20.61 7.83
N ARG A 158 -4.92 -21.55 8.61
CA ARG A 158 -4.21 -21.22 9.86
C ARG A 158 -2.74 -21.65 9.79
N PRO A 159 -2.01 -21.30 8.69
CA PRO A 159 -0.64 -21.77 8.51
C PRO A 159 0.25 -21.78 9.77
N LYS A 160 0.82 -22.94 10.13
CA LYS A 160 1.69 -23.09 11.28
C LYS A 160 3.13 -23.32 10.80
N PRO A 161 4.05 -22.37 11.04
CA PRO A 161 5.45 -22.68 10.72
C PRO A 161 5.96 -23.91 11.46
N LYS A 162 6.71 -24.77 10.78
CA LYS A 162 7.41 -25.89 11.42
C LYS A 162 8.89 -25.52 11.45
N PRO A 163 9.31 -24.74 12.48
CA PRO A 163 10.75 -24.47 12.57
C PRO A 163 11.59 -25.73 12.83
N GLY A 164 12.69 -25.87 12.10
CA GLY A 164 13.70 -26.88 12.39
C GLY A 164 14.50 -26.53 13.64
N ASP A 165 15.47 -27.39 13.96
CA ASP A 165 16.30 -27.16 15.14
C ASP A 165 17.12 -25.88 14.92
N GLY A 166 16.99 -24.90 15.81
CA GLY A 166 17.64 -23.60 15.59
C GLY A 166 16.99 -22.59 14.63
N GLU A 167 15.75 -22.88 14.19
CA GLU A 167 14.97 -21.97 13.38
C GLU A 167 13.91 -21.29 14.24
N PHE A 168 13.64 -20.04 13.88
N PHE A 168 13.86 -19.94 14.18
CA PHE A 168 12.70 -19.24 14.61
CA PHE A 168 12.68 -19.20 14.64
C PHE A 168 12.31 -18.08 13.71
C PHE A 168 12.42 -18.16 13.59
N VAL A 169 11.33 -18.34 12.86
CA VAL A 169 10.99 -17.48 11.76
C VAL A 169 9.65 -16.83 12.05
N GLU A 170 9.59 -15.53 11.80
CA GLU A 170 8.35 -14.76 11.83
C GLU A 170 7.88 -14.52 10.39
N VAL A 171 6.59 -14.71 10.13
CA VAL A 171 6.02 -14.43 8.85
C VAL A 171 5.42 -13.02 8.74
N ILE A 172 5.74 -12.36 7.64
CA ILE A 172 5.31 -11.01 7.31
C ILE A 172 4.80 -10.99 5.86
N SER A 173 3.48 -10.93 5.71
CA SER A 173 2.85 -10.81 4.39
C SER A 173 2.50 -9.40 4.02
N LEU A 174 3.04 -8.90 2.92
CA LEU A 174 2.78 -7.50 2.52
C LEU A 174 2.13 -7.42 1.16
N PRO A 175 1.19 -6.45 0.94
CA PRO A 175 0.59 -6.32 -0.37
C PRO A 175 1.57 -6.03 -1.49
N LYS A 176 1.49 -6.83 -2.56
CA LYS A 176 2.31 -6.61 -3.73
C LYS A 176 2.23 -5.17 -4.20
N ASN A 177 1.02 -4.61 -4.26
CA ASN A 177 0.79 -3.29 -4.81
C ASN A 177 1.34 -2.14 -4.01
N ASP A 178 1.85 -2.41 -2.82
CA ASP A 178 2.50 -1.36 -1.96
C ASP A 178 3.81 -1.88 -1.35
N LEU A 179 4.51 -2.80 -2.04
CA LEU A 179 5.55 -3.55 -1.36
C LEU A 179 6.72 -2.67 -0.88
N LEU A 180 7.25 -1.85 -1.77
CA LEU A 180 8.38 -0.99 -1.46
C LEU A 180 8.07 -0.07 -0.26
N GLN A 181 6.92 0.63 -0.26
CA GLN A 181 6.59 1.53 0.90
C GLN A 181 6.37 0.80 2.19
N ARG A 182 5.84 -0.41 2.11
CA ARG A 182 5.64 -1.17 3.33
C ARG A 182 6.91 -1.72 3.93
N LEU A 183 7.87 -2.06 3.10
CA LEU A 183 9.22 -2.40 3.55
C LEU A 183 9.94 -1.20 4.19
N ASP A 184 9.86 -0.06 3.51
CA ASP A 184 10.39 1.23 4.02
C ASP A 184 9.76 1.52 5.36
N ALA A 185 8.47 1.32 5.50
CA ALA A 185 7.83 1.57 6.77
C ALA A 185 8.25 0.59 7.88
N LEU A 186 8.55 -0.66 7.51
CA LEU A 186 9.10 -1.61 8.51
C LEU A 186 10.51 -1.23 8.97
N VAL A 187 11.35 -0.78 8.04
CA VAL A 187 12.73 -0.40 8.36
C VAL A 187 12.80 0.95 9.08
N ALA A 188 11.69 1.69 9.07
CA ALA A 188 11.60 2.92 9.86
C ALA A 188 11.07 2.67 11.28
N GLU A 189 10.73 1.42 11.61
CA GLU A 189 10.09 1.12 12.90
C GLU A 189 10.97 0.31 13.85
N GLU A 190 12.11 -0.18 13.36
CA GLU A 190 12.99 -1.01 14.18
C GLU A 190 14.30 -1.26 13.46
N HIS A 191 15.28 -1.80 14.18
CA HIS A 191 16.58 -2.13 13.58
C HIS A 191 16.43 -3.44 12.82
N LEU A 192 16.59 -3.36 11.52
CA LEU A 192 16.43 -4.55 10.71
C LEU A 192 16.77 -4.23 9.28
N THR A 193 17.33 -5.23 8.60
CA THR A 193 17.82 -5.11 7.23
C THR A 193 16.90 -5.85 6.27
N VAL A 194 16.61 -5.23 5.13
CA VAL A 194 15.85 -5.86 4.10
C VAL A 194 16.86 -6.49 3.15
N ASP A 195 16.56 -7.69 2.70
CA ASP A 195 17.37 -8.39 1.77
C ASP A 195 17.43 -7.76 0.39
N ALA A 196 18.62 -7.77 -0.22
CA ALA A 196 18.74 -7.14 -1.53
C ALA A 196 17.85 -7.68 -2.62
N ARG A 197 17.51 -8.97 -2.57
CA ARG A 197 16.67 -9.55 -3.67
C ARG A 197 15.24 -9.12 -3.45
N VAL A 198 14.81 -9.03 -2.19
CA VAL A 198 13.48 -8.54 -1.88
C VAL A 198 13.34 -7.07 -2.31
N TYR A 199 14.40 -6.29 -2.03
CA TYR A 199 14.31 -4.85 -2.25
C TYR A 199 14.31 -4.63 -3.73
N SER A 200 15.04 -5.43 -4.44
CA SER A 200 15.13 -5.36 -5.90
C SER A 200 13.79 -5.66 -6.55
N TYR A 201 13.17 -6.71 -6.08
CA TYR A 201 11.83 -7.10 -6.51
C TYR A 201 10.81 -5.96 -6.20
N ALA A 202 10.83 -5.43 -4.98
CA ALA A 202 9.93 -4.30 -4.64
C ALA A 202 10.18 -3.06 -5.47
N LEU A 203 11.44 -2.75 -5.72
CA LEU A 203 11.76 -1.68 -6.73
C LEU A 203 11.17 -1.88 -8.12
N ALA A 204 11.38 -3.07 -8.70
CA ALA A 204 10.82 -3.35 -10.02
C ALA A 204 9.27 -3.22 -10.01
N LEU A 205 8.60 -3.65 -8.93
CA LEU A 205 7.13 -3.48 -8.87
C LEU A 205 6.75 -1.97 -8.98
N LYS A 206 7.55 -1.07 -8.43
CA LYS A 206 7.36 0.40 -8.64
C LYS A 206 7.66 0.83 -10.07
N HIS A 207 8.82 0.43 -10.57
CA HIS A 207 9.27 0.88 -11.89
C HIS A 207 8.35 0.40 -13.04
N ALA A 208 7.69 -0.74 -12.86
CA ALA A 208 6.70 -1.17 -13.82
C ALA A 208 5.44 -0.33 -13.58
N LYS B 15 15.50 -10.46 21.12
CA LYS B 15 15.66 -11.72 21.91
C LYS B 15 16.84 -12.59 21.47
N GLN B 16 17.28 -12.45 20.22
CA GLN B 16 18.57 -13.03 19.74
C GLN B 16 19.62 -11.95 19.55
N TYR B 17 20.88 -12.33 19.72
CA TYR B 17 21.96 -11.37 19.71
C TYR B 17 23.31 -12.07 19.70
N ILE B 18 24.31 -11.37 19.18
CA ILE B 18 25.69 -11.84 19.15
C ILE B 18 26.29 -11.75 20.57
N ILE B 19 26.97 -12.82 20.99
CA ILE B 19 27.73 -12.84 22.23
C ILE B 19 29.18 -12.48 21.84
N SER B 20 29.79 -13.27 20.96
CA SER B 20 31.17 -13.02 20.53
C SER B 20 31.50 -13.60 19.15
N GLU B 21 32.59 -13.12 18.57
CA GLU B 21 33.13 -13.71 17.34
C GLU B 21 34.58 -14.17 17.53
N GLU B 22 34.85 -15.33 16.98
CA GLU B 22 36.19 -15.91 16.94
C GLU B 22 36.69 -15.86 15.50
N LEU B 23 37.78 -15.13 15.25
CA LEU B 23 38.43 -15.16 13.93
C LEU B 23 38.92 -16.57 13.58
N ILE B 24 38.57 -17.07 12.39
CA ILE B 24 39.07 -18.39 11.92
C ILE B 24 40.18 -18.19 10.90
N SER B 25 40.02 -17.27 9.96
CA SER B 25 41.01 -17.06 8.93
C SER B 25 40.78 -15.71 8.28
N GLU B 26 41.82 -14.90 8.19
CA GLU B 26 41.73 -13.58 7.61
C GLU B 26 42.65 -13.57 6.40
N GLY B 27 42.12 -13.11 5.28
CA GLY B 27 42.90 -12.81 4.09
C GLY B 27 43.06 -11.30 4.01
N LYS B 28 43.51 -10.85 2.85
CA LYS B 28 43.57 -9.45 2.53
C LYS B 28 42.20 -8.79 2.28
N TRP B 29 41.30 -9.52 1.63
CA TRP B 29 39.98 -8.97 1.27
C TRP B 29 38.77 -9.62 1.95
N VAL B 30 38.94 -10.83 2.47
CA VAL B 30 37.82 -11.58 3.11
C VAL B 30 38.33 -12.35 4.33
N LYS B 31 37.53 -12.35 5.42
CA LYS B 31 37.73 -13.23 6.59
C LYS B 31 36.53 -14.14 6.96
N LEU B 32 36.85 -15.28 7.57
CA LEU B 32 35.92 -16.27 8.09
C LEU B 32 35.93 -16.23 9.61
N GLU B 33 34.75 -16.03 10.21
CA GLU B 33 34.60 -15.98 11.70
C GLU B 33 33.71 -17.08 12.19
N LYS B 34 33.83 -17.44 13.47
CA LYS B 34 32.87 -18.34 14.10
C LYS B 34 32.13 -17.44 15.08
N THR B 35 30.88 -17.15 14.75
CA THR B 35 29.99 -16.31 15.57
C THR B 35 29.24 -17.14 16.63
N THR B 36 29.38 -16.74 17.88
CA THR B 36 28.58 -17.34 18.95
C THR B 36 27.37 -16.42 19.27
N TYR B 37 26.15 -16.99 19.31
CA TYR B 37 24.94 -16.17 19.44
C TYR B 37 23.93 -16.86 20.34
N MET B 38 23.05 -16.05 20.94
CA MET B 38 22.03 -16.51 21.85
C MET B 38 20.81 -16.82 21.01
N ASP B 39 20.37 -18.07 21.03
CA ASP B 39 19.17 -18.46 20.33
C ASP B 39 17.97 -17.97 21.18
N PRO B 40 16.77 -17.98 20.64
CA PRO B 40 15.63 -17.41 21.34
C PRO B 40 15.06 -18.28 22.46
N THR B 41 15.47 -19.55 22.54
CA THR B 41 15.17 -20.39 23.71
C THR B 41 16.09 -20.12 24.90
N GLY B 42 17.15 -19.31 24.72
CA GLY B 42 18.16 -19.09 25.74
C GLY B 42 19.35 -20.05 25.63
N LYS B 43 19.45 -20.74 24.49
CA LYS B 43 20.53 -21.69 24.24
C LYS B 43 21.53 -21.03 23.32
N THR B 44 22.80 -21.32 23.57
CA THR B 44 23.89 -20.67 22.90
C THR B 44 24.28 -21.50 21.66
N ARG B 45 24.50 -20.84 20.54
CA ARG B 45 24.79 -21.53 19.28
C ARG B 45 25.90 -20.82 18.50
N THR B 46 26.51 -21.56 17.58
CA THR B 46 27.60 -21.09 16.73
C THR B 46 27.17 -20.97 15.24
N TRP B 47 27.86 -20.10 14.52
CA TRP B 47 27.57 -19.88 13.11
C TRP B 47 28.86 -19.49 12.39
N GLU B 48 29.08 -20.10 11.25
CA GLU B 48 30.25 -19.75 10.44
C GLU B 48 29.84 -18.60 9.50
N SER B 49 30.50 -17.46 9.70
CA SER B 49 30.17 -16.23 9.01
C SER B 49 31.32 -15.63 8.21
N VAL B 50 31.00 -15.09 7.05
CA VAL B 50 31.97 -14.40 6.20
C VAL B 50 31.84 -12.88 6.33
N LYS B 51 32.94 -12.17 6.34
CA LYS B 51 32.89 -10.73 6.21
C LYS B 51 34.01 -10.23 5.29
N ARG B 52 33.79 -9.08 4.68
CA ARG B 52 34.89 -8.39 3.99
C ARG B 52 35.79 -7.73 5.03
N THR B 53 37.03 -7.44 4.63
CA THR B 53 37.95 -6.69 5.49
C THR B 53 37.96 -5.21 5.14
N THR B 54 37.17 -4.81 4.15
CA THR B 54 37.28 -3.51 3.51
C THR B 54 36.31 -2.44 4.02
N ARG B 55 35.31 -2.79 4.80
CA ARG B 55 34.35 -1.76 5.24
C ARG B 55 35.02 -0.85 6.26
N LYS B 56 34.77 0.46 6.14
CA LYS B 56 35.33 1.50 7.02
C LYS B 56 34.22 2.22 7.79
N GLN B 58 31.52 3.62 6.60
CA GLN B 58 30.76 3.14 5.44
C GLN B 58 29.35 2.75 5.84
N THR B 59 28.36 3.37 5.20
CA THR B 59 26.94 2.94 5.27
C THR B 59 26.72 1.44 4.88
N ALA B 60 27.61 0.90 4.03
CA ALA B 60 27.51 -0.44 3.43
C ALA B 60 28.80 -0.77 2.68
N ASP B 61 28.94 -2.02 2.24
CA ASP B 61 30.13 -2.44 1.51
C ASP B 61 30.22 -1.83 0.13
N GLY B 62 29.09 -1.86 -0.58
CA GLY B 62 29.02 -1.62 -2.01
C GLY B 62 27.78 -0.87 -2.41
N VAL B 63 27.74 -0.56 -3.68
CA VAL B 63 26.55 -0.07 -4.38
C VAL B 63 26.31 -0.94 -5.57
N ALA B 64 25.04 -1.09 -5.94
CA ALA B 64 24.71 -1.69 -7.20
C ALA B 64 23.77 -0.68 -7.87
N VAL B 65 23.96 -0.51 -9.15
CA VAL B 65 23.27 0.53 -9.87
C VAL B 65 22.24 -0.13 -10.74
N ILE B 66 20.98 0.24 -10.54
CA ILE B 66 19.97 -0.08 -11.56
C ILE B 66 19.97 1.10 -12.57
N PRO B 67 20.51 0.91 -13.82
CA PRO B 67 20.66 2.05 -14.73
C PRO B 67 19.67 1.97 -15.85
N VAL B 68 18.75 2.93 -15.85
CA VAL B 68 17.67 2.99 -16.81
C VAL B 68 18.08 3.92 -17.95
N LEU B 69 18.34 3.32 -19.11
CA LEU B 69 18.79 4.04 -20.29
C LEU B 69 17.58 4.52 -21.11
N GLN B 70 17.42 5.82 -21.22
CA GLN B 70 16.23 6.42 -21.83
C GLN B 70 16.63 7.15 -23.09
N ARG B 71 16.23 6.62 -24.24
CA ARG B 71 16.47 7.28 -25.51
C ARG B 71 15.11 7.45 -26.11
N THR B 72 14.86 8.60 -26.71
CA THR B 72 13.55 8.84 -27.28
C THR B 72 13.36 7.97 -28.55
N LEU B 73 12.13 7.50 -28.74
CA LEU B 73 11.75 6.60 -29.84
C LEU B 73 12.39 5.21 -29.81
N HIS B 74 12.91 4.83 -28.65
CA HIS B 74 13.50 3.53 -28.38
C HIS B 74 12.84 2.94 -27.16
N TYR B 75 12.88 1.61 -27.06
CA TYR B 75 12.56 0.97 -25.82
C TYR B 75 13.52 1.44 -24.76
N GLU B 76 12.96 1.68 -23.60
CA GLU B 76 13.73 1.85 -22.41
C GLU B 76 14.51 0.55 -22.13
N CYS B 77 15.80 0.70 -21.87
CA CYS B 77 16.67 -0.44 -21.52
C CYS B 77 17.26 -0.32 -20.09
N ILE B 78 17.61 -1.48 -19.52
CA ILE B 78 18.37 -1.58 -18.30
C ILE B 78 19.80 -1.97 -18.70
N VAL B 79 20.78 -1.20 -18.25
CA VAL B 79 22.18 -1.45 -18.62
C VAL B 79 22.83 -2.41 -17.63
N LEU B 80 23.37 -3.52 -18.12
CA LEU B 80 24.02 -4.47 -17.22
C LEU B 80 25.45 -4.70 -17.70
N VAL B 81 26.21 -5.38 -16.86
CA VAL B 81 27.58 -5.66 -17.20
C VAL B 81 27.87 -7.13 -17.10
N LYS B 82 28.73 -7.58 -18.00
CA LYS B 82 29.21 -8.96 -18.07
C LYS B 82 30.72 -8.93 -17.73
N GLN B 83 31.14 -9.86 -16.87
CA GLN B 83 32.51 -9.91 -16.33
C GLN B 83 32.81 -11.37 -15.97
N PHE B 84 34.09 -11.70 -15.97
CA PHE B 84 34.55 -12.97 -15.42
C PHE B 84 34.58 -12.74 -13.93
N ARG B 85 34.06 -13.70 -13.17
CA ARG B 85 34.04 -13.64 -11.70
C ARG B 85 34.78 -14.84 -11.12
N PRO B 86 35.98 -14.59 -10.57
CA PRO B 86 36.79 -15.77 -10.19
C PRO B 86 36.15 -16.69 -9.11
N PRO B 87 35.39 -16.13 -8.16
CA PRO B 87 34.63 -17.07 -7.29
C PRO B 87 33.69 -18.02 -8.05
N MET B 88 33.06 -17.56 -9.14
CA MET B 88 32.14 -18.39 -9.91
C MET B 88 32.80 -19.26 -10.97
N GLY B 89 34.06 -18.97 -11.32
CA GLY B 89 34.79 -19.72 -12.34
C GLY B 89 34.19 -19.49 -13.70
N GLY B 90 33.54 -18.34 -13.89
CA GLY B 90 32.78 -18.08 -15.08
C GLY B 90 32.32 -16.65 -15.20
N TYR B 91 31.67 -16.37 -16.31
CA TYR B 91 31.10 -15.05 -16.61
C TYR B 91 29.70 -14.88 -15.97
N CYS B 92 29.48 -13.74 -15.35
CA CYS B 92 28.22 -13.31 -14.81
C CYS B 92 27.68 -12.03 -15.46
N ILE B 93 26.34 -11.93 -15.55
CA ILE B 93 25.61 -10.71 -15.90
C ILE B 93 25.02 -10.08 -14.59
N GLU B 94 25.34 -8.82 -14.37
CA GLU B 94 25.14 -8.12 -13.12
C GLU B 94 24.76 -6.65 -13.35
N PHE B 95 24.16 -6.04 -12.37
CA PHE B 95 24.01 -4.59 -12.38
C PHE B 95 25.44 -4.04 -12.21
N PRO B 96 25.72 -2.89 -12.81
CA PRO B 96 26.98 -2.23 -12.44
C PRO B 96 27.10 -2.00 -10.96
N ALA B 97 28.30 -2.19 -10.43
CA ALA B 97 28.45 -2.21 -8.99
C ALA B 97 29.91 -2.20 -8.62
N GLY B 98 30.14 -1.66 -7.45
CA GLY B 98 31.44 -1.77 -6.79
C GLY B 98 31.39 -1.39 -5.35
N LEU B 99 32.51 -1.60 -4.66
CA LEU B 99 32.65 -1.19 -3.25
C LEU B 99 32.75 0.35 -3.16
N ILE B 100 32.22 0.90 -2.09
CA ILE B 100 32.21 2.34 -1.86
C ILE B 100 33.59 2.67 -1.26
N ASP B 101 34.25 3.72 -1.78
CA ASP B 101 35.55 4.19 -1.23
C ASP B 101 35.33 4.83 0.14
N ASP B 102 36.33 4.72 1.03
CA ASP B 102 36.32 5.51 2.28
C ASP B 102 36.13 7.02 1.95
N GLY B 103 35.14 7.65 2.58
CA GLY B 103 34.81 9.07 2.34
C GLY B 103 33.75 9.35 1.29
N GLU B 104 33.44 8.36 0.45
CA GLU B 104 32.47 8.48 -0.65
C GLU B 104 31.05 8.23 -0.11
N THR B 105 30.09 9.03 -0.55
CA THR B 105 28.67 8.74 -0.32
C THR B 105 28.17 7.63 -1.30
N PRO B 106 27.12 6.86 -0.92
CA PRO B 106 26.63 5.82 -1.85
C PRO B 106 26.26 6.36 -3.25
N GLU B 107 25.56 7.49 -3.30
CA GLU B 107 25.22 8.17 -4.58
C GLU B 107 26.42 8.44 -5.49
N ALA B 108 27.51 8.85 -4.86
CA ALA B 108 28.71 9.22 -5.56
C ALA B 108 29.41 7.98 -6.07
N ALA B 109 29.45 6.93 -5.24
CA ALA B 109 29.92 5.60 -5.66
C ALA B 109 29.12 5.06 -6.82
N ALA B 110 27.81 5.27 -6.75
CA ALA B 110 26.88 4.80 -7.79
C ALA B 110 27.20 5.45 -9.09
N LEU B 111 27.26 6.80 -9.13
CA LEU B 111 27.56 7.45 -10.41
C LEU B 111 28.94 7.15 -10.94
N ARG B 112 29.91 6.99 -10.04
CA ARG B 112 31.28 6.69 -10.43
C ARG B 112 31.43 5.29 -10.99
N GLU B 113 30.88 4.29 -10.28
CA GLU B 113 30.96 2.89 -10.75
C GLU B 113 30.26 2.77 -12.06
N LEU B 114 29.10 3.40 -12.19
CA LEU B 114 28.40 3.42 -13.47
C LEU B 114 29.25 3.91 -14.61
N GLU B 115 29.84 5.09 -14.42
CA GLU B 115 30.70 5.66 -15.49
C GLU B 115 31.89 4.76 -15.77
N GLU B 116 32.57 4.31 -14.73
CA GLU B 116 33.73 3.42 -14.92
C GLU B 116 33.34 2.14 -15.63
N GLU B 117 32.22 1.54 -15.23
CA GLU B 117 31.88 0.22 -15.81
C GLU B 117 31.17 0.30 -17.15
N THR B 118 30.46 1.39 -17.42
CA THR B 118 29.66 1.52 -18.65
C THR B 118 30.03 2.68 -19.57
N GLY B 119 30.81 3.62 -19.06
CA GLY B 119 30.91 4.93 -19.66
C GLY B 119 29.74 5.86 -19.45
N TYR B 120 28.57 5.40 -18.96
CA TYR B 120 27.39 6.27 -18.94
C TYR B 120 27.44 7.25 -17.80
N LYS B 121 26.94 8.47 -18.05
CA LYS B 121 26.83 9.54 -17.09
C LYS B 121 25.40 9.68 -16.62
N GLY B 122 25.14 9.51 -15.34
CA GLY B 122 23.80 9.21 -14.89
C GLY B 122 23.30 10.22 -13.91
N ASP B 123 22.00 10.22 -13.67
CA ASP B 123 21.34 11.05 -12.67
C ASP B 123 20.72 10.14 -11.59
N ILE B 124 21.00 10.41 -10.32
CA ILE B 124 20.32 9.66 -9.23
C ILE B 124 18.80 9.87 -9.26
N ALA B 125 18.03 8.78 -9.19
CA ALA B 125 16.58 8.87 -8.96
C ALA B 125 16.23 8.56 -7.53
N GLU B 126 16.78 7.48 -6.98
CA GLU B 126 16.51 7.08 -5.62
C GLU B 126 17.63 6.16 -5.11
N CYS B 127 17.73 6.07 -3.78
CA CYS B 127 18.77 5.29 -3.08
C CYS B 127 18.16 4.50 -1.95
N SER B 128 18.44 3.20 -1.93
CA SER B 128 17.86 2.35 -0.88
C SER B 128 18.64 2.47 0.43
N PRO B 129 18.01 2.07 1.54
CA PRO B 129 18.84 1.75 2.71
C PRO B 129 19.82 0.60 2.42
N ALA B 130 20.76 0.37 3.35
CA ALA B 130 21.65 -0.80 3.21
C ALA B 130 20.80 -2.05 3.18
N VAL B 131 21.08 -2.92 2.22
CA VAL B 131 20.34 -4.17 2.06
C VAL B 131 21.36 -5.31 2.04
N CYS B 132 21.01 -6.46 2.60
CA CYS B 132 21.96 -7.54 2.76
C CYS B 132 22.09 -8.41 1.50
N MET B 133 23.31 -8.85 1.18
CA MET B 133 23.57 -9.66 0.01
C MET B 133 23.26 -11.17 0.17
N ASP B 134 23.67 -11.76 1.30
CA ASP B 134 23.50 -13.18 1.50
C ASP B 134 23.61 -13.47 3.01
N PRO B 135 22.55 -13.11 3.79
CA PRO B 135 22.66 -12.91 5.20
C PRO B 135 22.89 -14.18 6.02
N GLY B 136 22.60 -15.36 5.45
CA GLY B 136 22.94 -16.67 6.04
C GLY B 136 24.43 -16.96 6.05
N LEU B 137 25.14 -16.32 5.14
CA LEU B 137 26.55 -16.57 4.94
C LEU B 137 27.41 -15.41 5.38
N SER B 138 27.09 -14.19 4.96
CA SER B 138 27.94 -13.02 5.13
C SER B 138 27.21 -11.86 5.74
N ASN B 139 27.97 -10.84 6.08
CA ASN B 139 27.41 -9.54 6.51
C ASN B 139 27.37 -8.51 5.41
N CYS B 140 27.65 -8.89 4.15
CA CYS B 140 27.81 -7.93 3.11
C CYS B 140 26.49 -7.21 2.82
N THR B 141 26.59 -5.89 2.71
CA THR B 141 25.48 -5.07 2.31
C THR B 141 25.85 -4.16 1.12
N ILE B 142 24.82 -3.72 0.41
CA ILE B 142 24.93 -2.72 -0.64
C ILE B 142 23.82 -1.69 -0.53
N HIS B 143 24.03 -0.52 -1.14
CA HIS B 143 22.91 0.38 -1.45
C HIS B 143 22.53 0.14 -2.90
N ILE B 144 21.26 -0.12 -3.19
CA ILE B 144 20.78 -0.23 -4.56
C ILE B 144 20.41 1.18 -5.02
N VAL B 145 20.96 1.62 -6.15
CA VAL B 145 20.83 3.03 -6.58
C VAL B 145 20.24 3.03 -7.97
N THR B 146 19.02 3.58 -8.04
CA THR B 146 18.32 3.69 -9.30
C THR B 146 18.79 4.98 -9.96
N VAL B 147 19.25 4.87 -11.20
CA VAL B 147 19.83 6.01 -11.91
C VAL B 147 19.25 6.02 -13.31
N THR B 148 18.84 7.19 -13.82
CA THR B 148 18.43 7.29 -15.23
C THR B 148 19.61 7.81 -16.04
N ILE B 149 19.62 7.42 -17.30
CA ILE B 149 20.61 7.82 -18.24
C ILE B 149 19.95 8.43 -19.46
N ASN B 150 20.17 9.74 -19.62
CA ASN B 150 19.63 10.42 -20.76
C ASN B 150 20.53 10.08 -21.93
N GLY B 151 20.11 9.06 -22.66
CA GLY B 151 20.89 8.52 -23.79
C GLY B 151 20.89 9.39 -25.05
N ASP B 152 20.13 10.49 -25.03
CA ASP B 152 20.07 11.46 -26.09
C ASP B 152 21.07 12.59 -25.90
N ASP B 153 21.63 12.71 -24.69
CA ASP B 153 22.59 13.75 -24.35
C ASP B 153 23.91 13.43 -25.01
N ALA B 154 24.61 14.49 -25.43
CA ALA B 154 25.82 14.34 -26.17
C ALA B 154 26.87 13.55 -25.36
N GLU B 155 26.87 13.71 -24.03
CA GLU B 155 27.89 13.10 -23.19
C GLU B 155 27.74 11.56 -23.18
N ASN B 156 26.52 11.09 -23.40
CA ASN B 156 26.24 9.65 -23.49
C ASN B 156 26.18 9.11 -24.91
N ALA B 157 26.59 9.90 -25.91
CA ALA B 157 26.59 9.40 -27.30
C ALA B 157 27.57 8.25 -27.53
N ARG B 158 28.75 8.36 -26.91
CA ARG B 158 29.87 7.43 -27.16
C ARG B 158 30.44 7.06 -25.81
N PRO B 159 29.71 6.20 -25.07
CA PRO B 159 30.04 5.94 -23.67
C PRO B 159 31.40 5.22 -23.54
N LYS B 160 32.33 5.82 -22.80
CA LYS B 160 33.71 5.30 -22.65
C LYS B 160 33.96 4.56 -21.31
N PRO B 161 33.87 3.20 -21.30
CA PRO B 161 34.12 2.46 -20.04
C PRO B 161 35.57 2.60 -19.57
N LYS B 162 35.79 3.04 -18.32
CA LYS B 162 37.12 3.21 -17.75
C LYS B 162 37.45 2.05 -16.80
N PRO B 163 38.02 0.95 -17.35
CA PRO B 163 38.42 -0.13 -16.46
C PRO B 163 39.55 0.31 -15.53
N GLY B 164 39.36 0.12 -14.23
CA GLY B 164 40.46 0.21 -13.27
C GLY B 164 41.41 -0.98 -13.43
N ASP B 165 42.48 -0.99 -12.65
CA ASP B 165 43.51 -2.05 -12.72
C ASP B 165 42.89 -3.47 -12.64
N GLY B 166 43.05 -4.25 -13.71
CA GLY B 166 42.55 -5.61 -13.80
C GLY B 166 41.04 -5.82 -13.97
N GLU B 167 40.27 -4.75 -14.17
CA GLU B 167 38.82 -4.86 -14.42
C GLU B 167 38.64 -4.97 -15.91
N PHE B 168 37.65 -5.77 -16.34
CA PHE B 168 37.40 -6.04 -17.75
C PHE B 168 35.92 -6.35 -17.99
N VAL B 169 35.20 -5.31 -18.38
CA VAL B 169 33.74 -5.28 -18.27
C VAL B 169 33.10 -5.00 -19.61
N GLU B 170 32.13 -5.83 -19.97
CA GLU B 170 31.33 -5.65 -21.17
C GLU B 170 29.98 -5.13 -20.78
N VAL B 171 29.40 -4.32 -21.69
CA VAL B 171 28.13 -3.69 -21.48
C VAL B 171 27.09 -4.44 -22.33
N ILE B 172 25.98 -4.77 -21.70
CA ILE B 172 24.86 -5.46 -22.32
C ILE B 172 23.61 -4.67 -21.86
N SER B 173 23.02 -3.88 -22.77
CA SER B 173 21.73 -3.20 -22.52
C SER B 173 20.58 -3.97 -23.06
N LEU B 174 19.58 -4.22 -22.21
CA LEU B 174 18.42 -5.02 -22.57
C LEU B 174 17.14 -4.27 -22.37
N PRO B 175 16.14 -4.48 -23.25
CA PRO B 175 14.90 -3.71 -23.05
C PRO B 175 14.21 -4.07 -21.72
N LYS B 176 13.81 -3.07 -20.97
CA LYS B 176 13.14 -3.21 -19.68
C LYS B 176 11.85 -4.02 -19.85
N ASN B 177 11.12 -3.79 -20.95
CA ASN B 177 9.84 -4.49 -21.16
C ASN B 177 9.88 -6.01 -21.39
N ASP B 178 11.02 -6.57 -21.79
CA ASP B 178 11.17 -7.99 -22.10
C ASP B 178 12.36 -8.57 -21.30
N LEU B 179 12.63 -8.02 -20.12
CA LEU B 179 13.97 -8.20 -19.49
C LEU B 179 14.16 -9.65 -19.15
N LEU B 180 13.18 -10.24 -18.45
CA LEU B 180 13.33 -11.62 -18.02
C LEU B 180 13.57 -12.58 -19.19
N GLN B 181 12.74 -12.48 -20.24
CA GLN B 181 12.91 -13.31 -21.45
C GLN B 181 14.30 -13.17 -22.05
N ARG B 182 14.78 -11.92 -22.15
CA ARG B 182 16.11 -11.68 -22.72
C ARG B 182 17.27 -12.23 -21.88
N LEU B 183 17.14 -12.17 -20.54
CA LEU B 183 18.14 -12.77 -19.67
C LEU B 183 18.15 -14.28 -19.80
N ASP B 184 16.97 -14.87 -19.86
CA ASP B 184 16.86 -16.36 -20.05
C ASP B 184 17.51 -16.82 -21.32
N ALA B 185 17.34 -16.02 -22.37
CA ALA B 185 17.94 -16.31 -23.67
C ALA B 185 19.46 -16.30 -23.59
N LEU B 186 20.02 -15.30 -22.90
CA LEU B 186 21.47 -15.21 -22.78
C LEU B 186 22.04 -16.43 -22.07
N VAL B 187 21.44 -16.76 -20.90
CA VAL B 187 21.79 -17.94 -20.13
C VAL B 187 21.72 -19.20 -21.00
N ALA B 188 20.64 -19.34 -21.76
CA ALA B 188 20.41 -20.51 -22.60
C ALA B 188 21.45 -20.61 -23.68
N GLU B 189 21.71 -19.51 -24.36
CA GLU B 189 22.63 -19.52 -25.49
C GLU B 189 24.12 -19.39 -25.14
N GLU B 190 24.47 -18.74 -24.02
CA GLU B 190 25.84 -18.25 -23.81
C GLU B 190 26.58 -18.74 -22.56
N HIS B 191 26.04 -19.78 -21.90
CA HIS B 191 26.46 -20.21 -20.54
C HIS B 191 27.03 -19.12 -19.59
N LEU B 192 26.15 -18.18 -19.27
CA LEU B 192 26.38 -17.12 -18.30
C LEU B 192 25.52 -17.41 -17.05
N THR B 193 25.93 -16.86 -15.92
CA THR B 193 25.13 -16.82 -14.68
C THR B 193 24.60 -15.40 -14.45
N VAL B 194 23.28 -15.27 -14.34
CA VAL B 194 22.63 -14.06 -14.00
C VAL B 194 22.63 -13.87 -12.49
N ASP B 195 22.85 -12.63 -12.06
CA ASP B 195 22.85 -12.23 -10.71
C ASP B 195 21.49 -12.31 -10.08
N ALA B 196 21.44 -12.62 -8.78
CA ALA B 196 20.13 -12.88 -8.14
C ALA B 196 19.25 -11.64 -8.06
N ARG B 197 19.88 -10.49 -7.83
CA ARG B 197 19.18 -9.22 -7.73
C ARG B 197 18.68 -8.77 -9.11
N VAL B 198 19.46 -8.97 -10.16
CA VAL B 198 19.05 -8.71 -11.58
C VAL B 198 17.83 -9.61 -11.98
N TYR B 199 17.99 -10.90 -11.76
CA TYR B 199 16.85 -11.80 -11.86
C TYR B 199 15.60 -11.41 -11.02
N SER B 200 15.77 -11.03 -9.78
CA SER B 200 14.64 -10.70 -8.92
C SER B 200 13.87 -9.50 -9.48
N TYR B 201 14.63 -8.50 -9.92
CA TYR B 201 14.07 -7.31 -10.60
C TYR B 201 13.35 -7.70 -11.93
N ALA B 202 13.98 -8.54 -12.76
CA ALA B 202 13.39 -8.98 -14.03
C ALA B 202 12.08 -9.73 -13.85
N LEU B 203 12.07 -10.62 -12.83
CA LEU B 203 10.85 -11.27 -12.34
C LEU B 203 9.71 -10.35 -11.91
N ALA B 204 9.99 -9.42 -11.02
CA ALA B 204 8.96 -8.44 -10.57
C ALA B 204 8.43 -7.55 -11.69
N LEU B 205 9.26 -7.21 -12.68
CA LEU B 205 8.77 -6.49 -13.88
C LEU B 205 7.67 -7.31 -14.55
N LYS B 206 7.90 -8.60 -14.75
CA LYS B 206 6.84 -9.49 -15.26
C LYS B 206 5.68 -9.64 -14.29
N HIS B 207 5.95 -9.83 -13.02
CA HIS B 207 4.89 -10.04 -12.01
C HIS B 207 4.01 -8.79 -11.68
N ALA B 208 4.43 -7.60 -12.12
CA ALA B 208 3.68 -6.40 -11.73
C ALA B 208 2.26 -6.47 -12.29
N ASN B 209 1.31 -5.97 -11.50
CA ASN B 209 -0.15 -6.03 -11.80
C ASN B 209 -0.67 -7.47 -11.78
N GLN C 16 -20.53 -12.38 -3.77
CA GLN C 16 -21.42 -11.55 -4.65
C GLN C 16 -20.58 -10.78 -5.67
N TYR C 17 -21.12 -10.50 -6.86
CA TYR C 17 -20.40 -9.70 -7.87
C TYR C 17 -21.36 -9.14 -8.92
N ILE C 18 -20.85 -8.28 -9.81
CA ILE C 18 -21.66 -7.42 -10.67
C ILE C 18 -21.70 -7.90 -12.12
N ILE C 19 -22.92 -8.18 -12.59
CA ILE C 19 -23.17 -8.84 -13.89
C ILE C 19 -23.26 -7.88 -15.12
N SER C 20 -23.85 -6.69 -15.00
CA SER C 20 -24.16 -5.87 -16.21
C SER C 20 -24.57 -4.41 -15.90
N GLU C 21 -24.09 -3.46 -16.73
CA GLU C 21 -24.27 -2.00 -16.53
C GLU C 21 -25.34 -1.38 -17.44
N GLU C 22 -26.61 -1.50 -17.03
CA GLU C 22 -27.76 -1.05 -17.83
C GLU C 22 -27.98 0.46 -17.76
N LEU C 23 -27.51 1.18 -18.79
CA LEU C 23 -27.75 2.61 -18.92
C LEU C 23 -29.25 2.94 -19.02
N ILE C 24 -29.64 4.15 -18.63
CA ILE C 24 -31.06 4.55 -18.65
C ILE C 24 -31.28 6.04 -18.94
N SER C 25 -30.30 6.87 -18.62
CA SER C 25 -30.44 8.32 -18.83
C SER C 25 -29.12 9.08 -18.60
N GLU C 26 -28.69 9.86 -19.58
CA GLU C 26 -27.42 10.55 -19.48
C GLU C 26 -27.62 12.05 -19.54
N GLY C 27 -27.43 12.70 -18.39
CA GLY C 27 -27.48 14.15 -18.34
C GLY C 27 -26.10 14.67 -18.60
N LYS C 28 -25.98 15.98 -18.73
CA LYS C 28 -24.66 16.60 -18.92
C LYS C 28 -23.71 16.38 -17.72
N TRP C 29 -24.27 16.18 -16.52
CA TRP C 29 -23.48 15.96 -15.28
C TRP C 29 -23.68 14.69 -14.44
N VAL C 30 -24.78 13.97 -14.69
CA VAL C 30 -25.11 12.77 -13.92
C VAL C 30 -25.93 11.83 -14.80
N LYS C 31 -25.94 10.54 -14.47
CA LYS C 31 -26.65 9.57 -15.29
C LYS C 31 -27.18 8.43 -14.43
N LEU C 32 -28.22 7.76 -14.91
CA LEU C 32 -28.83 6.67 -14.17
C LEU C 32 -28.45 5.33 -14.80
N GLU C 33 -28.65 4.23 -14.07
CA GLU C 33 -28.28 2.90 -14.55
C GLU C 33 -28.95 1.84 -13.67
N LYS C 34 -28.94 0.59 -14.14
CA LYS C 34 -29.56 -0.55 -13.42
C LYS C 34 -28.56 -1.71 -13.39
N THR C 35 -28.42 -2.36 -12.24
CA THR C 35 -27.24 -3.19 -11.94
C THR C 35 -27.62 -4.62 -11.55
N THR C 36 -27.35 -5.59 -12.44
CA THR C 36 -27.76 -6.97 -12.18
C THR C 36 -26.65 -7.69 -11.39
N TYR C 37 -27.01 -8.52 -10.42
CA TYR C 37 -26.03 -8.94 -9.41
C TYR C 37 -26.36 -10.33 -8.77
N MET C 38 -25.35 -11.17 -8.56
CA MET C 38 -25.55 -12.48 -7.92
C MET C 38 -25.45 -12.32 -6.41
N ASP C 39 -26.46 -12.79 -5.67
CA ASP C 39 -26.42 -12.71 -4.20
C ASP C 39 -25.58 -13.83 -3.60
N PRO C 40 -25.43 -13.82 -2.26
CA PRO C 40 -24.67 -14.80 -1.48
C PRO C 40 -25.17 -16.26 -1.60
N THR C 41 -26.50 -16.45 -1.60
CA THR C 41 -27.13 -17.78 -1.72
C THR C 41 -27.17 -18.36 -3.17
N GLY C 42 -27.02 -17.49 -4.19
CA GLY C 42 -27.01 -17.90 -5.60
C GLY C 42 -28.00 -17.18 -6.50
N LYS C 43 -29.07 -16.64 -5.89
CA LYS C 43 -30.11 -15.86 -6.58
C LYS C 43 -29.57 -14.59 -7.30
N THR C 44 -29.77 -14.57 -8.62
CA THR C 44 -29.68 -13.34 -9.44
C THR C 44 -30.73 -12.30 -8.96
N ARG C 45 -30.32 -11.03 -8.75
CA ARG C 45 -31.23 -9.90 -8.38
C ARG C 45 -30.92 -8.65 -9.21
N THR C 46 -31.41 -7.46 -8.79
CA THR C 46 -31.16 -6.21 -9.54
C THR C 46 -31.31 -4.93 -8.65
N TRP C 47 -30.92 -3.78 -9.20
CA TRP C 47 -30.79 -2.49 -8.40
C TRP C 47 -30.69 -1.31 -9.35
N GLU C 48 -31.13 -0.11 -8.91
CA GLU C 48 -30.99 1.14 -9.71
C GLU C 48 -29.80 2.03 -9.18
N SER C 49 -29.06 2.66 -10.10
CA SER C 49 -27.68 3.16 -9.83
C SER C 49 -27.40 4.54 -10.43
N VAL C 50 -26.73 5.41 -9.68
CA VAL C 50 -26.38 6.76 -10.18
C VAL C 50 -24.87 6.89 -10.38
N LYS C 51 -24.44 7.76 -11.33
CA LYS C 51 -23.02 8.07 -11.51
C LYS C 51 -22.80 9.41 -12.24
N ARG C 52 -21.75 10.17 -11.89
CA ARG C 52 -21.44 11.43 -12.58
C ARG C 52 -20.84 11.18 -13.97
N THR C 53 -20.87 12.20 -14.82
CA THR C 53 -20.32 12.10 -16.17
C THR C 53 -18.97 12.79 -16.30
N THR C 54 -18.40 13.16 -15.15
CA THR C 54 -17.20 13.99 -15.06
C THR C 54 -15.91 13.29 -14.54
N ARG C 55 -16.00 12.03 -14.14
CA ARG C 55 -14.85 11.29 -13.61
C ARG C 55 -13.95 10.77 -14.73
N LYS C 56 -12.64 10.71 -14.46
CA LYS C 56 -11.64 10.11 -15.38
C LYS C 56 -11.02 8.89 -14.67
N GLN C 58 -9.41 10.08 -12.45
CA GLN C 58 -9.27 10.54 -11.08
C GLN C 58 -9.41 9.39 -10.07
N THR C 59 -8.71 9.54 -8.94
CA THR C 59 -8.77 8.61 -7.80
C THR C 59 -10.15 8.58 -7.10
N ALA C 60 -10.91 9.65 -7.29
CA ALA C 60 -12.29 9.73 -6.88
C ALA C 60 -12.94 10.87 -7.64
N ASP C 61 -14.25 11.02 -7.48
CA ASP C 61 -14.94 12.18 -8.03
C ASP C 61 -14.44 13.47 -7.44
N GLY C 62 -14.40 13.54 -6.12
CA GLY C 62 -14.08 14.83 -5.47
C GLY C 62 -13.27 14.69 -4.23
N VAL C 63 -13.18 15.79 -3.46
CA VAL C 63 -12.58 15.73 -2.14
C VAL C 63 -13.45 16.56 -1.15
N ALA C 64 -13.31 16.24 0.12
CA ALA C 64 -13.86 17.05 1.24
C ALA C 64 -12.71 17.38 2.13
N VAL C 65 -12.69 18.60 2.64
CA VAL C 65 -11.55 19.10 3.37
C VAL C 65 -12.05 19.29 4.78
N ILE C 66 -11.35 18.70 5.74
CA ILE C 66 -11.57 18.94 7.15
C ILE C 66 -10.54 20.00 7.55
N PRO C 67 -10.95 21.30 7.61
CA PRO C 67 -9.97 22.33 7.82
C PRO C 67 -9.90 22.83 9.25
N VAL C 68 -8.77 22.57 9.86
CA VAL C 68 -8.59 22.79 11.28
C VAL C 68 -7.81 24.13 11.38
N LEU C 69 -8.55 25.12 11.82
CA LEU C 69 -8.01 26.49 12.01
C LEU C 69 -7.34 26.52 13.37
N GLN C 70 -6.03 26.69 13.36
CA GLN C 70 -5.11 26.66 14.48
C GLN C 70 -4.58 28.04 14.79
N ARG C 71 -4.70 28.42 16.07
CA ARG C 71 -4.26 29.80 16.51
C ARG C 71 -3.65 29.74 17.86
N THR C 72 -2.60 30.53 18.12
CA THR C 72 -1.89 30.47 19.39
C THR C 72 -2.82 30.70 20.58
N LEU C 73 -3.76 31.60 20.40
CA LEU C 73 -4.55 32.09 21.52
C LEU C 73 -5.89 31.41 21.71
N HIS C 74 -6.23 30.44 20.87
CA HIS C 74 -7.59 29.98 20.77
C HIS C 74 -7.65 28.47 20.71
N TYR C 75 -8.77 27.92 21.14
CA TYR C 75 -9.02 26.51 20.83
C TYR C 75 -9.18 26.36 19.31
N GLU C 76 -8.99 25.14 18.81
CA GLU C 76 -9.12 24.92 17.38
C GLU C 76 -10.55 25.10 16.92
N CYS C 77 -10.70 25.61 15.68
CA CYS C 77 -11.98 25.60 15.02
C CYS C 77 -11.97 24.75 13.77
N ILE C 78 -13.18 24.32 13.43
CA ILE C 78 -13.42 23.59 12.19
C ILE C 78 -14.10 24.61 11.23
N VAL C 79 -13.47 24.85 10.10
CA VAL C 79 -14.04 25.76 9.08
C VAL C 79 -15.00 25.01 8.16
N LEU C 80 -16.22 25.51 8.09
CA LEU C 80 -17.31 24.96 7.35
C LEU C 80 -17.80 25.99 6.32
N VAL C 81 -18.62 25.53 5.40
CA VAL C 81 -19.23 26.39 4.38
C VAL C 81 -20.69 26.20 4.27
N LYS C 82 -21.40 27.31 4.00
CA LYS C 82 -22.79 27.25 3.87
C LYS C 82 -23.09 27.73 2.46
N GLN C 83 -23.96 26.99 1.80
CA GLN C 83 -24.38 27.29 0.41
C GLN C 83 -25.73 26.73 0.07
N PHE C 84 -26.36 27.38 -0.92
CA PHE C 84 -27.58 26.86 -1.50
C PHE C 84 -27.21 25.66 -2.35
N ARG C 85 -27.95 24.59 -2.18
CA ARG C 85 -27.81 23.35 -2.93
C ARG C 85 -29.12 23.01 -3.65
N PRO C 86 -29.12 23.13 -4.98
CA PRO C 86 -30.40 22.89 -5.70
C PRO C 86 -31.09 21.55 -5.47
N PRO C 87 -30.32 20.44 -5.40
CA PRO C 87 -31.00 19.21 -5.12
C PRO C 87 -31.77 19.25 -3.80
N MET C 88 -31.23 19.94 -2.80
CA MET C 88 -31.83 20.04 -1.47
C MET C 88 -32.92 21.14 -1.36
N GLY C 89 -32.97 22.03 -2.36
CA GLY C 89 -33.86 23.20 -2.33
C GLY C 89 -33.67 24.11 -1.13
N GLY C 90 -32.46 24.16 -0.61
CA GLY C 90 -32.18 24.86 0.63
C GLY C 90 -30.70 24.91 0.87
N TYR C 91 -30.35 25.56 1.95
CA TYR C 91 -28.97 25.81 2.30
C TYR C 91 -28.47 24.68 3.11
N CYS C 92 -27.19 24.33 2.89
CA CYS C 92 -26.56 23.25 3.65
C CYS C 92 -25.25 23.68 4.25
N ILE C 93 -24.89 23.08 5.40
CA ILE C 93 -23.63 23.35 6.03
C ILE C 93 -22.73 22.11 5.82
N GLU C 94 -21.57 22.36 5.23
CA GLU C 94 -20.70 21.27 4.65
C GLU C 94 -19.24 21.53 4.91
N PHE C 95 -18.39 20.50 4.73
CA PHE C 95 -16.96 20.71 4.62
C PHE C 95 -16.75 21.37 3.25
N PRO C 96 -15.77 22.26 3.15
CA PRO C 96 -15.25 22.75 1.86
C PRO C 96 -14.92 21.50 1.00
N ALA C 97 -15.40 21.52 -0.23
CA ALA C 97 -15.45 20.33 -1.08
C ALA C 97 -15.64 20.70 -2.54
N GLY C 98 -15.11 19.84 -3.42
CA GLY C 98 -15.33 20.01 -4.84
C GLY C 98 -14.81 18.81 -5.62
N LEU C 99 -15.11 18.79 -6.91
CA LEU C 99 -14.65 17.71 -7.77
C LEU C 99 -13.15 17.90 -8.05
N ILE C 100 -12.43 16.77 -8.10
CA ILE C 100 -11.00 16.73 -8.43
C ILE C 100 -10.83 16.97 -9.93
N ASP C 101 -10.08 17.99 -10.33
CA ASP C 101 -9.83 18.30 -11.74
C ASP C 101 -9.05 17.18 -12.47
N ASP C 102 -9.06 17.23 -13.81
CA ASP C 102 -8.22 16.35 -14.64
C ASP C 102 -6.73 16.64 -14.43
N GLY C 103 -5.98 15.61 -14.04
CA GLY C 103 -4.52 15.72 -13.87
C GLY C 103 -4.10 16.11 -12.46
N GLU C 104 -4.95 16.93 -11.83
CA GLU C 104 -4.86 17.29 -10.41
C GLU C 104 -4.89 16.11 -9.46
N THR C 105 -4.05 16.17 -8.45
CA THR C 105 -4.07 15.21 -7.37
C THR C 105 -5.13 15.63 -6.28
N PRO C 106 -5.59 14.67 -5.43
CA PRO C 106 -6.55 15.02 -4.35
C PRO C 106 -6.04 16.10 -3.39
N GLU C 107 -4.77 16.00 -2.97
CA GLU C 107 -4.20 16.99 -2.08
C GLU C 107 -4.23 18.40 -2.66
N ALA C 108 -3.84 18.56 -3.92
CA ALA C 108 -3.87 19.82 -4.60
C ALA C 108 -5.31 20.31 -4.74
N ALA C 109 -6.21 19.36 -4.97
CA ALA C 109 -7.62 19.66 -5.13
C ALA C 109 -8.13 20.27 -3.81
N ALA C 110 -7.79 19.63 -2.70
CA ALA C 110 -8.16 20.02 -1.36
C ALA C 110 -7.70 21.45 -1.02
N LEU C 111 -6.41 21.73 -1.20
CA LEU C 111 -5.89 23.07 -0.96
C LEU C 111 -6.52 24.12 -1.88
N ARG C 112 -6.79 23.74 -3.14
CA ARG C 112 -7.49 24.62 -4.07
C ARG C 112 -8.96 24.84 -3.67
N GLU C 113 -9.70 23.78 -3.41
CA GLU C 113 -11.12 23.95 -3.04
C GLU C 113 -11.24 24.71 -1.70
N LEU C 114 -10.32 24.44 -0.77
CA LEU C 114 -10.27 25.20 0.47
C LEU C 114 -10.03 26.68 0.22
N GLU C 115 -9.00 27.00 -0.53
CA GLU C 115 -8.75 28.41 -0.82
C GLU C 115 -9.94 29.09 -1.53
N GLU C 116 -10.49 28.43 -2.54
CA GLU C 116 -11.61 28.99 -3.34
C GLU C 116 -12.92 29.25 -2.53
N GLU C 117 -13.18 28.37 -1.60
CA GLU C 117 -14.46 28.37 -0.93
C GLU C 117 -14.36 29.12 0.40
N THR C 118 -13.14 29.27 0.93
CA THR C 118 -12.92 29.94 2.20
C THR C 118 -11.95 31.08 2.26
N GLY C 119 -10.97 31.14 1.34
CA GLY C 119 -9.83 32.06 1.40
C GLY C 119 -8.65 31.61 2.22
N TYR C 120 -8.78 30.51 3.00
CA TYR C 120 -7.65 30.09 3.79
C TYR C 120 -6.62 29.34 2.95
N LYS C 121 -5.38 29.55 3.31
CA LYS C 121 -4.27 28.80 2.78
C LYS C 121 -3.85 27.81 3.87
N GLY C 122 -3.95 26.52 3.56
CA GLY C 122 -3.64 25.47 4.54
C GLY C 122 -2.53 24.55 4.08
N ASP C 123 -2.24 23.62 4.96
CA ASP C 123 -1.17 22.63 4.81
C ASP C 123 -1.82 21.25 4.95
N ILE C 124 -1.47 20.33 4.04
CA ILE C 124 -2.01 18.98 4.15
C ILE C 124 -1.53 18.31 5.43
N ALA C 125 -2.46 17.71 6.19
CA ALA C 125 -2.11 16.85 7.31
C ALA C 125 -2.21 15.37 6.90
N GLU C 126 -3.30 14.98 6.27
CA GLU C 126 -3.59 13.58 6.04
C GLU C 126 -4.61 13.49 4.90
N CYS C 127 -4.61 12.36 4.21
CA CYS C 127 -5.54 12.16 3.10
C CYS C 127 -6.10 10.75 3.21
N SER C 128 -7.42 10.62 3.22
CA SER C 128 -8.07 9.32 3.25
C SER C 128 -7.87 8.66 1.88
N PRO C 129 -8.08 7.35 1.80
CA PRO C 129 -8.30 6.72 0.50
C PRO C 129 -9.70 7.10 -0.05
N ALA C 130 -10.06 6.64 -1.23
CA ALA C 130 -11.46 6.82 -1.70
C ALA C 130 -12.51 6.18 -0.75
N VAL C 131 -13.48 7.00 -0.34
CA VAL C 131 -14.53 6.60 0.64
C VAL C 131 -15.91 6.80 0.00
N CYS C 132 -16.88 5.92 0.36
CA CYS C 132 -18.19 5.89 -0.31
C CYS C 132 -19.12 7.06 0.21
N MET C 133 -19.73 7.82 -0.68
CA MET C 133 -20.73 8.87 -0.29
C MET C 133 -22.11 8.31 0.12
N ASP C 134 -22.72 7.55 -0.79
CA ASP C 134 -24.07 6.99 -0.58
C ASP C 134 -24.12 5.68 -1.42
N PRO C 135 -23.55 4.58 -0.89
CA PRO C 135 -23.22 3.43 -1.75
C PRO C 135 -24.43 2.56 -2.18
N GLY C 136 -25.50 2.58 -1.38
CA GLY C 136 -26.81 2.09 -1.81
C GLY C 136 -27.47 2.80 -3.00
N LEU C 137 -26.91 3.94 -3.42
CA LEU C 137 -27.47 4.76 -4.46
C LEU C 137 -26.50 5.14 -5.58
N SER C 138 -25.24 5.43 -5.25
CA SER C 138 -24.35 6.08 -6.20
C SER C 138 -22.98 5.41 -6.19
N ASN C 139 -22.23 5.58 -7.30
CA ASN C 139 -20.80 5.20 -7.38
C ASN C 139 -19.88 6.31 -6.83
N CYS C 140 -20.48 7.43 -6.42
CA CYS C 140 -19.72 8.65 -6.15
C CYS C 140 -18.69 8.49 -5.03
N THR C 141 -17.45 8.95 -5.31
CA THR C 141 -16.39 8.90 -4.27
C THR C 141 -15.72 10.25 -4.05
N ILE C 142 -15.14 10.36 -2.87
CA ILE C 142 -14.19 11.41 -2.47
C ILE C 142 -13.01 10.91 -1.63
N HIS C 143 -11.97 11.75 -1.58
CA HIS C 143 -10.99 11.69 -0.51
C HIS C 143 -11.32 12.80 0.48
N ILE C 144 -11.28 12.43 1.73
CA ILE C 144 -11.34 13.34 2.90
C ILE C 144 -9.91 13.70 3.27
N VAL C 145 -9.61 14.99 3.13
CA VAL C 145 -8.29 15.50 3.36
C VAL C 145 -8.31 16.43 4.58
N THR C 146 -7.55 16.06 5.61
CA THR C 146 -7.40 16.89 6.80
C THR C 146 -6.38 17.95 6.49
N VAL C 147 -6.73 19.23 6.63
CA VAL C 147 -5.82 20.33 6.34
C VAL C 147 -5.71 21.22 7.56
N THR C 148 -4.51 21.63 7.95
CA THR C 148 -4.35 22.56 9.09
C THR C 148 -4.21 23.95 8.50
N ILE C 149 -4.81 24.94 9.14
CA ILE C 149 -4.65 26.33 8.70
C ILE C 149 -3.99 27.10 9.83
N ASN C 150 -2.81 27.67 9.57
CA ASN C 150 -2.15 28.54 10.51
C ASN C 150 -2.89 29.88 10.45
N GLY C 151 -3.77 30.04 11.41
CA GLY C 151 -4.57 31.25 11.54
C GLY C 151 -3.86 32.47 12.06
N ASP C 152 -2.66 32.33 12.58
CA ASP C 152 -1.87 33.50 13.04
C ASP C 152 -0.90 34.04 11.97
N ASP C 153 -0.77 33.32 10.87
CA ASP C 153 0.14 33.76 9.81
C ASP C 153 -0.51 34.92 9.11
N ALA C 154 0.27 35.96 8.83
CA ALA C 154 -0.24 37.15 8.16
C ALA C 154 -0.95 36.80 6.84
N GLU C 155 -0.44 35.78 6.14
CA GLU C 155 -1.10 35.38 4.90
C GLU C 155 -2.57 34.95 5.11
N ASN C 156 -2.96 34.48 6.32
CA ASN C 156 -4.34 34.09 6.59
C ASN C 156 -5.18 35.13 7.33
N ALA C 157 -4.67 36.38 7.38
CA ALA C 157 -5.31 37.38 8.25
C ALA C 157 -6.65 37.89 7.73
N ARG C 158 -6.81 37.99 6.42
CA ARG C 158 -8.08 38.47 5.85
C ARG C 158 -8.51 37.54 4.73
N PRO C 159 -8.90 36.28 5.04
CA PRO C 159 -9.31 35.37 3.97
C PRO C 159 -10.55 35.79 3.12
N LYS C 160 -10.46 35.78 1.79
CA LYS C 160 -11.66 36.03 0.90
C LYS C 160 -11.93 34.80 0.04
N PRO C 161 -13.14 34.22 0.14
CA PRO C 161 -13.43 33.22 -0.86
C PRO C 161 -13.17 33.83 -2.26
N LYS C 162 -12.45 33.11 -3.11
CA LYS C 162 -12.34 33.46 -4.53
C LYS C 162 -13.20 32.41 -5.23
N PRO C 163 -14.54 32.58 -5.16
CA PRO C 163 -15.40 31.47 -5.45
C PRO C 163 -15.74 31.34 -6.94
N GLY C 164 -16.26 30.17 -7.32
CA GLY C 164 -16.62 29.90 -8.70
C GLY C 164 -17.71 30.82 -9.24
N ASP C 165 -17.79 30.87 -10.56
CA ASP C 165 -18.94 31.46 -11.24
C ASP C 165 -20.14 30.57 -10.93
N GLY C 166 -21.21 31.18 -10.40
CA GLY C 166 -22.34 30.40 -9.90
C GLY C 166 -22.23 29.94 -8.45
N GLU C 167 -21.02 29.59 -7.99
CA GLU C 167 -20.78 29.27 -6.57
C GLU C 167 -20.91 30.51 -5.66
N PHE C 168 -21.73 30.41 -4.61
CA PHE C 168 -21.85 31.49 -3.62
C PHE C 168 -21.78 30.89 -2.21
N VAL C 169 -20.68 31.18 -1.54
CA VAL C 169 -20.30 30.42 -0.36
C VAL C 169 -20.06 31.34 0.83
N GLU C 170 -20.63 30.95 1.98
CA GLU C 170 -20.45 31.64 3.25
C GLU C 170 -19.65 30.74 4.18
N VAL C 171 -18.74 31.34 4.92
CA VAL C 171 -17.81 30.61 5.76
C VAL C 171 -18.33 30.72 7.19
N ILE C 172 -18.27 29.60 7.90
CA ILE C 172 -18.71 29.51 9.31
C ILE C 172 -17.66 28.65 10.00
N SER C 173 -16.89 29.25 10.90
CA SER C 173 -15.96 28.52 11.79
C SER C 173 -16.45 28.33 13.22
N LEU C 174 -16.45 27.08 13.64
CA LEU C 174 -17.05 26.64 14.89
C LEU C 174 -15.96 25.94 15.71
N PRO C 175 -15.93 26.15 17.02
CA PRO C 175 -14.91 25.48 17.84
C PRO C 175 -15.02 23.95 17.80
N LYS C 176 -13.90 23.28 17.66
CA LYS C 176 -13.89 21.83 17.52
C LYS C 176 -14.41 21.19 18.81
N ASN C 177 -14.04 21.79 19.95
CA ASN C 177 -14.48 21.29 21.31
C ASN C 177 -15.96 21.55 21.66
N ASP C 178 -16.70 22.17 20.75
CA ASP C 178 -18.15 22.36 20.91
C ASP C 178 -18.95 22.25 19.61
N LEU C 179 -18.47 21.39 18.69
CA LEU C 179 -19.00 21.43 17.32
C LEU C 179 -20.45 21.04 17.18
N LEU C 180 -20.84 19.92 17.79
CA LEU C 180 -22.19 19.39 17.67
C LEU C 180 -23.24 20.39 18.22
N GLN C 181 -23.00 20.88 19.42
CA GLN C 181 -23.89 21.87 20.08
C GLN C 181 -23.97 23.15 19.25
N ARG C 182 -22.84 23.59 18.78
CA ARG C 182 -22.81 24.75 17.88
C ARG C 182 -23.55 24.57 16.58
N LEU C 183 -23.45 23.38 15.96
CA LEU C 183 -24.23 23.04 14.76
C LEU C 183 -25.73 22.98 15.00
N ASP C 184 -26.11 22.28 16.07
CA ASP C 184 -27.47 22.26 16.63
C ASP C 184 -28.04 23.67 16.85
N ALA C 185 -27.23 24.61 17.27
CA ALA C 185 -27.72 25.99 17.47
C ALA C 185 -27.98 26.70 16.15
N LEU C 186 -27.14 26.45 15.14
CA LEU C 186 -27.41 27.00 13.79
C LEU C 186 -28.70 26.53 13.15
N VAL C 187 -28.92 25.23 13.24
CA VAL C 187 -30.11 24.53 12.76
C VAL C 187 -31.35 25.08 13.51
N ALA C 188 -31.19 25.48 14.77
CA ALA C 188 -32.29 26.08 15.56
C ALA C 188 -32.72 27.44 15.04
N GLU C 189 -31.76 28.26 14.65
CA GLU C 189 -32.02 29.62 14.15
C GLU C 189 -32.51 29.80 12.69
N GLU C 190 -32.10 28.92 11.79
CA GLU C 190 -32.39 29.03 10.37
C GLU C 190 -32.64 27.63 9.91
N HIS C 191 -33.54 27.40 8.97
CA HIS C 191 -33.55 26.07 8.45
C HIS C 191 -32.47 25.90 7.42
N LEU C 192 -31.58 24.99 7.76
CA LEU C 192 -30.53 24.59 6.91
C LEU C 192 -30.27 23.17 7.35
N THR C 193 -29.64 22.41 6.48
CA THR C 193 -29.35 21.00 6.72
C THR C 193 -27.85 20.82 6.97
N VAL C 194 -27.48 20.06 8.00
CA VAL C 194 -26.04 19.79 8.23
C VAL C 194 -25.70 18.57 7.34
N ASP C 195 -24.58 18.62 6.64
CA ASP C 195 -24.04 17.45 5.94
C ASP C 195 -23.78 16.26 6.86
N ALA C 196 -24.02 15.04 6.35
CA ALA C 196 -23.87 13.83 7.16
C ALA C 196 -22.45 13.55 7.59
N ARG C 197 -21.47 13.93 6.75
CA ARG C 197 -20.03 13.74 7.15
C ARG C 197 -19.64 14.71 8.28
N VAL C 198 -20.09 15.94 8.14
CA VAL C 198 -19.86 16.92 9.20
C VAL C 198 -20.48 16.47 10.52
N TYR C 199 -21.70 15.95 10.51
CA TYR C 199 -22.39 15.57 11.72
C TYR C 199 -21.79 14.35 12.42
N SER C 200 -21.34 13.39 11.63
CA SER C 200 -20.68 12.15 12.11
C SER C 200 -19.40 12.56 12.76
N TYR C 201 -18.70 13.50 12.10
CA TYR C 201 -17.46 14.07 12.63
C TYR C 201 -17.75 14.75 13.99
N ALA C 202 -18.76 15.62 14.07
CA ALA C 202 -19.12 16.24 15.41
C ALA C 202 -19.52 15.23 16.50
N LEU C 203 -20.23 14.20 16.06
CA LEU C 203 -20.70 13.15 17.00
C LEU C 203 -19.46 12.45 17.62
N ALA C 204 -18.53 12.03 16.78
CA ALA C 204 -17.26 11.40 17.28
C ALA C 204 -16.43 12.33 18.19
N LEU C 205 -16.39 13.66 17.90
CA LEU C 205 -15.69 14.58 18.79
C LEU C 205 -16.35 14.55 20.19
N LYS C 206 -17.67 14.48 20.24
CA LYS C 206 -18.40 14.40 21.51
C LYS C 206 -18.20 13.01 22.19
N HIS C 207 -18.17 11.96 21.38
CA HIS C 207 -18.06 10.56 21.86
C HIS C 207 -16.67 10.16 22.42
N ALA C 208 -15.62 10.87 22.01
CA ALA C 208 -14.28 10.50 22.46
C ALA C 208 -14.10 10.79 23.95
N LYS D 15 -32.73 34.87 -0.48
CA LYS D 15 -31.92 35.04 -1.73
C LYS D 15 -32.21 33.89 -2.70
N GLN D 16 -31.64 32.70 -2.53
CA GLN D 16 -31.83 31.66 -3.53
C GLN D 16 -33.07 30.80 -3.30
N TYR D 17 -33.66 30.28 -4.39
CA TYR D 17 -34.81 29.41 -4.31
C TYR D 17 -35.04 28.58 -5.57
N ILE D 18 -35.88 27.55 -5.43
CA ILE D 18 -36.27 26.60 -6.47
C ILE D 18 -37.43 27.18 -7.29
N ILE D 19 -37.38 26.96 -8.61
CA ILE D 19 -38.43 27.48 -9.54
C ILE D 19 -39.27 26.37 -10.16
N SER D 20 -38.62 25.27 -10.54
CA SER D 20 -39.30 24.15 -11.16
C SER D 20 -38.47 22.89 -11.06
N GLU D 21 -39.14 21.77 -11.21
CA GLU D 21 -38.51 20.47 -11.13
C GLU D 21 -38.96 19.61 -12.32
N GLU D 22 -38.38 19.89 -13.50
CA GLU D 22 -38.68 19.15 -14.73
C GLU D 22 -38.12 17.74 -14.63
N LEU D 23 -39.02 16.75 -14.53
CA LEU D 23 -38.65 15.33 -14.54
C LEU D 23 -37.99 14.97 -15.87
N ILE D 24 -36.86 14.26 -15.81
CA ILE D 24 -36.12 13.81 -16.99
C ILE D 24 -36.12 12.28 -17.12
N SER D 25 -36.17 11.55 -15.99
CA SER D 25 -36.31 10.07 -16.02
C SER D 25 -36.59 9.48 -14.60
N GLU D 26 -37.61 8.62 -14.45
CA GLU D 26 -38.04 8.01 -13.15
C GLU D 26 -37.66 6.52 -13.00
N GLY D 27 -38.24 5.78 -12.03
CA GLY D 27 -37.91 4.34 -11.82
C GLY D 27 -38.36 3.76 -10.49
N LYS D 28 -38.17 2.45 -10.32
CA LYS D 28 -38.66 1.72 -9.12
C LYS D 28 -38.22 2.30 -7.77
N TRP D 29 -37.01 2.89 -7.71
CA TRP D 29 -36.45 3.46 -6.47
C TRP D 29 -35.80 4.88 -6.54
N VAL D 30 -35.48 5.43 -7.72
CA VAL D 30 -34.77 6.72 -7.84
C VAL D 30 -35.08 7.41 -9.16
N LYS D 31 -34.92 8.74 -9.22
CA LYS D 31 -35.29 9.58 -10.39
C LYS D 31 -34.34 10.75 -10.64
N LEU D 32 -34.38 11.33 -11.84
CA LEU D 32 -33.50 12.42 -12.28
C LEU D 32 -34.34 13.60 -12.75
N GLU D 33 -33.93 14.81 -12.34
CA GLU D 33 -34.69 16.03 -12.65
C GLU D 33 -33.76 17.16 -12.99
N LYS D 34 -34.25 18.09 -13.81
CA LYS D 34 -33.55 19.33 -14.10
C LYS D 34 -34.16 20.43 -13.24
N THR D 35 -33.36 20.96 -12.31
CA THR D 35 -33.81 21.95 -11.33
C THR D 35 -33.48 23.32 -11.86
N THR D 36 -34.49 24.17 -11.99
CA THR D 36 -34.26 25.57 -12.25
C THR D 36 -34.36 26.20 -10.88
N TYR D 37 -33.37 27.01 -10.56
CA TYR D 37 -33.35 27.76 -9.32
C TYR D 37 -32.85 29.14 -9.69
N MET D 38 -33.12 30.11 -8.82
CA MET D 38 -32.62 31.45 -8.94
C MET D 38 -31.36 31.52 -8.13
N ASP D 39 -30.30 32.03 -8.75
CA ASP D 39 -29.01 32.19 -8.09
C ASP D 39 -29.04 33.51 -7.34
N PRO D 40 -28.04 33.81 -6.53
CA PRO D 40 -28.16 35.02 -5.71
C PRO D 40 -27.93 36.35 -6.44
N THR D 41 -27.50 36.30 -7.71
CA THR D 41 -27.26 37.49 -8.53
C THR D 41 -28.50 37.92 -9.30
N GLY D 42 -29.64 37.28 -9.02
CA GLY D 42 -30.88 37.44 -9.79
C GLY D 42 -30.91 36.70 -11.10
N LYS D 43 -30.09 35.67 -11.24
CA LYS D 43 -29.93 34.96 -12.51
C LYS D 43 -30.41 33.52 -12.39
N THR D 44 -31.18 33.09 -13.38
CA THR D 44 -31.80 31.76 -13.40
C THR D 44 -30.75 30.76 -13.87
N ARG D 45 -30.60 29.64 -13.16
CA ARG D 45 -29.66 28.62 -13.56
C ARG D 45 -30.32 27.27 -13.44
N THR D 46 -29.65 26.25 -13.98
CA THR D 46 -30.14 24.88 -13.88
C THR D 46 -29.17 24.01 -13.07
N TRP D 47 -29.68 22.86 -12.65
CA TRP D 47 -28.94 21.80 -11.98
C TRP D 47 -29.57 20.47 -12.39
N GLU D 48 -28.79 19.43 -12.60
CA GLU D 48 -29.32 18.07 -12.72
C GLU D 48 -29.25 17.37 -11.39
N SER D 49 -30.40 16.96 -10.87
CA SER D 49 -30.53 16.54 -9.47
C SER D 49 -31.23 15.22 -9.36
N VAL D 50 -30.81 14.44 -8.37
CA VAL D 50 -31.22 13.08 -8.18
C VAL D 50 -32.09 13.05 -6.94
N LYS D 51 -33.25 12.42 -7.04
CA LYS D 51 -34.09 12.15 -5.86
C LYS D 51 -34.52 10.71 -5.90
N ARG D 52 -34.84 10.16 -4.73
CA ARG D 52 -35.43 8.85 -4.60
C ARG D 52 -36.90 8.92 -5.07
N THR D 53 -37.65 7.83 -4.84
CA THR D 53 -39.10 7.82 -5.07
C THR D 53 -39.79 7.06 -3.93
N THR D 54 -39.25 7.13 -2.71
CA THR D 54 -39.71 6.27 -1.60
C THR D 54 -40.16 7.13 -0.41
N ALA D 60 -37.05 12.16 6.88
CA ALA D 60 -35.83 11.71 6.18
C ALA D 60 -35.99 10.37 5.42
N ASP D 61 -35.14 10.10 4.44
CA ASP D 61 -35.26 8.87 3.63
C ASP D 61 -34.84 7.60 4.34
N GLY D 62 -33.71 7.68 5.03
CA GLY D 62 -33.19 6.57 5.83
C GLY D 62 -32.69 6.91 7.22
N VAL D 63 -32.18 5.88 7.87
CA VAL D 63 -31.40 6.05 9.07
C VAL D 63 -30.06 5.38 8.73
N ALA D 64 -29.07 5.80 9.50
CA ALA D 64 -27.78 5.10 9.61
C ALA D 64 -27.60 5.05 11.08
N VAL D 65 -27.11 3.92 11.60
CA VAL D 65 -26.91 3.74 13.02
C VAL D 65 -25.41 3.70 13.39
N ILE D 66 -25.06 4.40 14.48
CA ILE D 66 -23.73 4.39 15.13
C ILE D 66 -23.85 3.50 16.36
N PRO D 67 -23.49 2.19 16.24
CA PRO D 67 -23.73 1.34 17.37
C PRO D 67 -22.45 0.93 18.15
N VAL D 68 -22.47 1.24 19.44
CA VAL D 68 -21.38 1.21 20.41
C VAL D 68 -21.58 0.20 21.61
N LEU D 69 -20.83 -0.90 21.61
CA LEU D 69 -21.03 -2.02 22.56
C LEU D 69 -20.31 -1.84 23.95
N GLN D 70 -21.07 -1.80 25.04
CA GLN D 70 -20.56 -1.48 26.37
C GLN D 70 -20.61 -2.66 27.41
N ARG D 71 -19.45 -3.13 27.87
CA ARG D 71 -19.31 -4.09 28.99
C ARG D 71 -18.51 -3.46 30.16
N THR D 72 -19.00 -3.55 31.41
CA THR D 72 -18.24 -3.02 32.55
C THR D 72 -16.90 -3.77 32.62
N LEU D 73 -15.82 -3.07 32.95
CA LEU D 73 -14.48 -3.68 32.93
C LEU D 73 -13.91 -4.07 31.54
N HIS D 74 -14.53 -3.60 30.45
CA HIS D 74 -14.01 -3.81 29.09
C HIS D 74 -13.95 -2.45 28.36
N TYR D 75 -13.18 -2.37 27.27
CA TYR D 75 -13.23 -1.23 26.30
C TYR D 75 -14.62 -1.19 25.68
N GLU D 76 -14.95 -0.08 25.00
CA GLU D 76 -16.09 -0.02 24.05
C GLU D 76 -15.68 -0.41 22.64
N CYS D 77 -16.61 -0.92 21.83
CA CYS D 77 -16.34 -1.39 20.44
C CYS D 77 -17.43 -0.79 19.52
N ILE D 78 -17.11 -0.55 18.24
CA ILE D 78 -18.02 0.06 17.28
C ILE D 78 -18.53 -1.01 16.33
N VAL D 79 -19.81 -1.31 16.43
CA VAL D 79 -20.39 -2.39 15.60
C VAL D 79 -20.65 -1.83 14.23
N LEU D 80 -19.90 -2.26 13.24
CA LEU D 80 -20.17 -1.91 11.87
C LEU D 80 -20.77 -3.15 11.32
N VAL D 81 -21.17 -3.07 10.04
CA VAL D 81 -21.68 -4.17 9.29
C VAL D 81 -21.10 -3.97 7.91
N LYS D 82 -20.82 -5.05 7.17
CA LYS D 82 -20.43 -5.03 5.73
C LYS D 82 -21.35 -5.88 4.94
N GLN D 83 -21.33 -5.63 3.63
CA GLN D 83 -22.31 -6.11 2.68
C GLN D 83 -21.90 -5.54 1.33
N PHE D 84 -22.46 -6.08 0.25
CA PHE D 84 -22.18 -5.71 -1.17
C PHE D 84 -23.13 -4.64 -1.70
N ARG D 85 -22.60 -3.70 -2.48
CA ARG D 85 -23.36 -2.55 -2.98
C ARG D 85 -23.22 -2.44 -4.51
N PRO D 86 -24.31 -2.72 -5.26
CA PRO D 86 -24.31 -2.60 -6.74
C PRO D 86 -23.94 -1.31 -7.47
N PRO D 87 -24.37 -0.15 -6.95
CA PRO D 87 -23.93 1.10 -7.59
C PRO D 87 -22.38 1.30 -7.58
N MET D 88 -21.77 0.76 -6.51
CA MET D 88 -20.32 0.72 -6.26
C MET D 88 -19.66 -0.63 -6.62
N GLY D 89 -20.23 -1.32 -7.61
CA GLY D 89 -19.59 -2.47 -8.25
C GLY D 89 -18.73 -3.37 -7.38
N GLY D 90 -18.95 -3.34 -6.07
CA GLY D 90 -18.21 -4.19 -5.18
C GLY D 90 -18.63 -4.04 -3.73
N TYR D 91 -17.86 -4.64 -2.83
CA TYR D 91 -18.13 -4.50 -1.42
C TYR D 91 -17.75 -3.09 -0.94
N CYS D 92 -18.65 -2.52 -0.16
CA CYS D 92 -18.46 -1.26 0.60
C CYS D 92 -18.66 -1.67 2.04
N ILE D 93 -18.04 -0.96 2.99
CA ILE D 93 -18.18 -1.13 4.48
C ILE D 93 -18.89 0.15 4.93
N GLU D 94 -19.97 -0.01 5.68
CA GLU D 94 -20.80 1.12 6.09
C GLU D 94 -21.23 0.99 7.54
N PHE D 95 -21.87 2.03 8.04
CA PHE D 95 -22.66 1.98 9.27
C PHE D 95 -23.97 1.26 8.84
N PRO D 96 -24.58 0.50 9.77
CA PRO D 96 -25.86 -0.18 9.48
C PRO D 96 -26.85 0.90 9.14
N ALA D 97 -27.42 0.78 7.94
CA ALA D 97 -28.31 1.78 7.40
C ALA D 97 -29.64 1.14 7.05
N GLY D 98 -30.49 1.95 6.40
CA GLY D 98 -31.66 1.48 5.68
C GLY D 98 -32.80 2.50 5.69
N LEU D 99 -33.60 2.50 4.61
CA LEU D 99 -34.78 3.38 4.49
C LEU D 99 -35.76 3.25 5.66
N ILE D 100 -36.52 4.31 5.88
CA ILE D 100 -37.53 4.32 6.94
C ILE D 100 -38.88 3.88 6.32
N ASP D 101 -39.63 3.09 7.08
CA ASP D 101 -40.96 2.60 6.68
C ASP D 101 -41.99 3.68 6.97
N ASP D 102 -42.95 3.89 6.06
CA ASP D 102 -44.01 4.88 6.27
C ASP D 102 -44.69 4.60 7.61
N GLY D 103 -44.71 5.61 8.49
CA GLY D 103 -45.34 5.49 9.84
C GLY D 103 -44.42 5.19 11.01
N GLU D 104 -43.18 4.79 10.71
CA GLU D 104 -42.20 4.45 11.74
C GLU D 104 -41.43 5.70 12.13
N THR D 105 -41.19 5.92 13.42
CA THR D 105 -40.35 7.03 13.87
C THR D 105 -38.87 6.70 13.55
N PRO D 106 -38.01 7.73 13.32
CA PRO D 106 -36.56 7.47 13.12
C PRO D 106 -35.89 6.57 14.15
N GLU D 107 -36.10 6.85 15.45
CA GLU D 107 -35.57 6.01 16.53
C GLU D 107 -35.93 4.58 16.25
N ALA D 108 -37.23 4.29 16.35
CA ALA D 108 -37.72 2.91 16.16
C ALA D 108 -37.20 2.24 14.88
N ALA D 109 -36.98 3.00 13.80
CA ALA D 109 -36.37 2.43 12.56
C ALA D 109 -34.88 2.04 12.68
N ALA D 110 -34.20 2.57 13.71
CA ALA D 110 -32.81 2.25 13.99
C ALA D 110 -32.68 1.19 15.10
N LEU D 111 -33.36 1.34 16.24
CA LEU D 111 -33.44 0.24 17.24
C LEU D 111 -33.96 -1.03 16.56
N ARG D 112 -34.88 -0.88 15.60
CA ARG D 112 -35.24 -2.01 14.73
C ARG D 112 -34.04 -2.39 13.94
N GLU D 113 -33.66 -1.57 12.97
CA GLU D 113 -32.64 -1.99 11.99
C GLU D 113 -31.23 -2.29 12.57
N LEU D 114 -30.99 -1.94 13.84
CA LEU D 114 -29.78 -2.44 14.53
C LEU D 114 -29.99 -3.87 15.02
N GLU D 115 -31.05 -4.12 15.79
CA GLU D 115 -31.47 -5.50 16.14
C GLU D 115 -31.64 -6.41 14.91
N GLU D 116 -32.13 -5.84 13.81
CA GLU D 116 -32.20 -6.54 12.52
C GLU D 116 -30.85 -7.00 12.00
N GLU D 117 -29.88 -6.09 11.91
CA GLU D 117 -28.65 -6.36 11.16
C GLU D 117 -27.49 -6.86 12.03
N THR D 118 -27.62 -6.69 13.33
CA THR D 118 -26.60 -7.06 14.31
C THR D 118 -27.09 -8.01 15.41
N GLY D 119 -28.40 -8.05 15.63
CA GLY D 119 -28.97 -8.84 16.72
C GLY D 119 -29.00 -8.13 18.06
N TYR D 120 -28.37 -6.94 18.20
CA TYR D 120 -28.32 -6.32 19.52
C TYR D 120 -29.57 -5.46 19.78
N LYS D 121 -29.79 -5.13 21.04
CA LYS D 121 -30.98 -4.44 21.53
C LYS D 121 -30.43 -3.18 22.19
N GLY D 122 -30.55 -2.07 21.46
CA GLY D 122 -30.03 -0.76 21.86
C GLY D 122 -30.79 -0.09 23.00
N ASP D 123 -30.19 0.98 23.47
CA ASP D 123 -30.81 1.93 24.39
C ASP D 123 -30.48 3.27 23.74
N ILE D 124 -31.48 3.93 23.15
CA ILE D 124 -31.25 5.12 22.33
C ILE D 124 -30.56 6.16 23.16
N ALA D 125 -29.42 6.64 22.66
CA ALA D 125 -28.65 7.67 23.32
C ALA D 125 -29.06 9.05 22.80
N GLU D 126 -29.11 9.21 21.49
CA GLU D 126 -29.43 10.51 20.85
C GLU D 126 -29.80 10.25 19.43
N CYS D 127 -30.42 11.25 18.79
CA CYS D 127 -30.87 11.19 17.40
C CYS D 127 -30.69 12.54 16.72
N SER D 128 -30.14 12.52 15.50
CA SER D 128 -29.88 13.75 14.74
C SER D 128 -31.14 14.20 14.02
N PRO D 129 -31.23 15.51 13.70
CA PRO D 129 -32.17 15.88 12.64
C PRO D 129 -31.72 15.30 11.31
N ALA D 130 -32.53 15.50 10.27
CA ALA D 130 -32.21 14.99 8.95
C ALA D 130 -30.96 15.69 8.41
N VAL D 131 -30.06 14.88 7.83
CA VAL D 131 -28.74 15.33 7.36
C VAL D 131 -28.59 14.83 5.94
N CYS D 132 -27.94 15.64 5.13
CA CYS D 132 -27.87 15.43 3.68
C CYS D 132 -26.65 14.53 3.32
N MET D 133 -26.91 13.64 2.38
CA MET D 133 -25.99 12.56 2.01
C MET D 133 -24.95 13.03 0.98
N ASP D 134 -25.40 13.72 -0.05
CA ASP D 134 -24.51 14.28 -1.06
C ASP D 134 -25.23 15.47 -1.71
N PRO D 135 -25.21 16.64 -1.04
CA PRO D 135 -26.19 17.67 -1.39
C PRO D 135 -26.03 18.29 -2.75
N GLY D 136 -24.81 18.32 -3.32
CA GLY D 136 -24.60 18.80 -4.70
C GLY D 136 -25.03 17.87 -5.84
N LEU D 137 -25.52 16.69 -5.49
CA LEU D 137 -26.02 15.65 -6.40
C LEU D 137 -27.48 15.29 -6.17
N SER D 138 -27.85 14.99 -4.92
CA SER D 138 -29.18 14.53 -4.55
C SER D 138 -29.79 15.18 -3.31
N ASN D 139 -31.09 14.94 -3.13
CA ASN D 139 -31.82 15.48 -1.98
C ASN D 139 -31.87 14.49 -0.83
N CYS D 140 -31.14 13.37 -0.96
CA CYS D 140 -31.27 12.29 0.02
C CYS D 140 -30.73 12.67 1.41
N THR D 141 -31.49 12.31 2.44
CA THR D 141 -31.20 12.59 3.83
C THR D 141 -31.44 11.37 4.69
N ILE D 142 -30.77 11.36 5.84
CA ILE D 142 -30.99 10.42 6.90
C ILE D 142 -30.96 11.09 8.26
N HIS D 143 -31.45 10.39 9.27
CA HIS D 143 -31.10 10.66 10.63
C HIS D 143 -29.91 9.75 10.94
N ILE D 144 -28.97 10.28 11.71
CA ILE D 144 -27.87 9.50 12.30
C ILE D 144 -28.29 9.28 13.76
N VAL D 145 -28.47 8.01 14.14
CA VAL D 145 -28.91 7.64 15.49
C VAL D 145 -27.84 6.93 16.29
N THR D 146 -27.56 7.41 17.50
CA THR D 146 -26.49 6.84 18.34
C THR D 146 -27.11 5.87 19.37
N VAL D 147 -26.65 4.62 19.31
CA VAL D 147 -27.25 3.49 20.07
C VAL D 147 -26.21 2.80 21.00
N THR D 148 -26.47 2.80 22.32
CA THR D 148 -25.62 2.10 23.31
C THR D 148 -26.23 0.75 23.60
N ILE D 149 -25.37 -0.24 23.80
CA ILE D 149 -25.78 -1.62 24.04
C ILE D 149 -25.34 -1.99 25.46
N ASN D 150 -26.16 -2.81 26.13
CA ASN D 150 -25.86 -3.33 27.47
C ASN D 150 -25.29 -4.74 27.32
N GLY D 151 -24.01 -4.83 26.99
CA GLY D 151 -23.32 -6.14 26.79
C GLY D 151 -23.27 -7.09 27.99
N ASP D 152 -23.68 -6.60 29.17
CA ASP D 152 -23.75 -7.40 30.40
C ASP D 152 -25.11 -8.11 30.57
N ASP D 153 -25.73 -8.51 29.45
CA ASP D 153 -27.01 -9.20 29.46
C ASP D 153 -26.93 -10.42 28.56
N GLU D 155 -29.86 -10.10 27.45
CA GLU D 155 -30.34 -10.61 26.18
C GLU D 155 -29.29 -10.44 25.09
N ASN D 156 -28.25 -9.68 25.43
CA ASN D 156 -27.19 -9.34 24.47
C ASN D 156 -25.99 -10.28 24.56
N ALA D 157 -26.11 -11.31 25.39
CA ALA D 157 -24.99 -12.23 25.63
C ALA D 157 -24.20 -12.53 24.35
N ARG D 158 -24.86 -13.13 23.36
CA ARG D 158 -24.19 -13.49 22.10
C ARG D 158 -25.17 -13.53 20.92
N PRO D 159 -25.86 -12.40 20.68
CA PRO D 159 -26.88 -12.27 19.63
C PRO D 159 -26.37 -12.56 18.22
N LYS D 160 -27.31 -12.74 17.29
CA LYS D 160 -27.00 -13.03 15.85
C LYS D 160 -28.10 -12.44 14.92
N PRO D 161 -27.76 -12.15 13.65
CA PRO D 161 -28.56 -11.24 12.82
C PRO D 161 -29.82 -11.88 12.22
N LYS D 162 -30.92 -11.11 12.17
CA LYS D 162 -32.19 -11.51 11.56
C LYS D 162 -32.45 -10.75 10.23
N PRO D 163 -31.83 -11.19 9.13
CA PRO D 163 -31.92 -10.41 7.89
C PRO D 163 -33.30 -10.45 7.25
N GLY D 164 -33.65 -9.42 6.49
CA GLY D 164 -34.76 -9.49 5.54
C GLY D 164 -34.42 -10.46 4.42
N ASP D 165 -35.28 -10.51 3.40
CA ASP D 165 -35.05 -11.34 2.21
C ASP D 165 -34.13 -10.56 1.27
N GLY D 166 -32.99 -11.15 0.95
CA GLY D 166 -31.98 -10.48 0.14
C GLY D 166 -31.04 -9.54 0.89
N GLU D 167 -31.12 -9.51 2.22
CA GLU D 167 -30.21 -8.70 3.04
C GLU D 167 -29.09 -9.59 3.61
N PHE D 168 -27.95 -9.60 2.93
CA PHE D 168 -26.78 -10.43 3.27
C PHE D 168 -25.66 -9.53 3.80
N VAL D 169 -25.48 -9.55 5.11
CA VAL D 169 -24.65 -8.57 5.82
C VAL D 169 -23.78 -9.21 6.93
N GLU D 170 -22.46 -9.00 6.85
CA GLU D 170 -21.52 -9.46 7.89
C GLU D 170 -21.37 -8.38 8.97
N VAL D 171 -21.41 -8.78 10.23
CA VAL D 171 -21.16 -7.89 11.38
C VAL D 171 -19.61 -7.77 11.52
N ILE D 172 -18.99 -6.84 10.76
CA ILE D 172 -17.55 -6.45 10.95
C ILE D 172 -17.51 -5.45 12.09
N SER D 173 -17.08 -5.91 13.27
CA SER D 173 -16.94 -5.09 14.46
C SER D 173 -15.47 -4.66 14.64
N LEU D 174 -15.15 -3.39 14.36
CA LEU D 174 -13.79 -2.87 14.56
C LEU D 174 -13.74 -2.10 15.87
N PRO D 175 -12.60 -2.13 16.60
CA PRO D 175 -12.52 -1.46 17.93
C PRO D 175 -12.50 0.10 17.83
N LYS D 176 -13.11 0.76 18.81
CA LYS D 176 -13.33 2.23 18.82
C LYS D 176 -11.98 2.99 18.94
N ASN D 177 -11.14 2.57 19.87
CA ASN D 177 -9.75 3.10 20.00
C ASN D 177 -8.79 3.04 18.77
N ASP D 178 -9.04 2.16 17.80
CA ASP D 178 -8.21 2.10 16.60
C ASP D 178 -8.99 2.07 15.31
N LEU D 179 -10.22 2.63 15.36
CA LEU D 179 -11.08 2.53 14.19
C LEU D 179 -10.39 3.02 12.95
N LEU D 180 -9.76 4.20 13.01
CA LEU D 180 -9.23 4.75 11.81
C LEU D 180 -8.19 3.80 11.20
N GLN D 181 -7.35 3.27 12.06
CA GLN D 181 -6.21 2.42 11.65
C GLN D 181 -6.64 1.11 10.95
N ARG D 182 -7.72 0.56 11.45
CA ARG D 182 -8.31 -0.69 10.92
C ARG D 182 -9.01 -0.50 9.61
N LEU D 183 -9.64 0.66 9.43
CA LEU D 183 -10.18 0.96 8.17
C LEU D 183 -9.11 1.03 7.09
N ASP D 184 -8.01 1.75 7.39
CA ASP D 184 -6.97 1.99 6.36
C ASP D 184 -6.38 0.63 5.97
N ALA D 185 -6.28 -0.22 6.95
CA ALA D 185 -5.74 -1.56 6.83
C ALA D 185 -6.60 -2.43 5.88
N LEU D 186 -7.91 -2.43 6.13
CA LEU D 186 -8.84 -3.20 5.32
C LEU D 186 -8.79 -2.70 3.89
N VAL D 187 -8.67 -1.38 3.72
CA VAL D 187 -8.52 -0.80 2.41
C VAL D 187 -7.20 -1.25 1.75
N ALA D 188 -6.14 -1.30 2.57
CA ALA D 188 -4.78 -1.70 2.12
C ALA D 188 -4.77 -3.15 1.63
N GLU D 189 -5.52 -3.98 2.33
CA GLU D 189 -5.52 -5.42 2.11
C GLU D 189 -6.76 -6.12 1.56
N GLU D 190 -7.82 -5.41 1.08
CA GLU D 190 -9.14 -6.09 0.88
C GLU D 190 -10.29 -5.77 -0.10
N HIS D 191 -10.02 -5.33 -1.33
CA HIS D 191 -11.06 -5.21 -2.38
C HIS D 191 -12.40 -4.60 -1.91
N LEU D 192 -12.32 -3.53 -1.10
CA LEU D 192 -13.51 -2.88 -0.53
C LEU D 192 -13.36 -1.36 -0.51
N THR D 193 -14.48 -0.67 -0.19
CA THR D 193 -14.55 0.78 0.02
C THR D 193 -15.14 1.05 1.46
N VAL D 194 -14.60 2.03 2.18
CA VAL D 194 -15.11 2.37 3.53
C VAL D 194 -16.05 3.54 3.30
N ASP D 195 -17.09 3.68 4.11
CA ASP D 195 -18.06 4.75 3.82
C ASP D 195 -17.52 6.05 4.39
N ALA D 196 -17.84 7.15 3.71
CA ALA D 196 -17.36 8.48 4.13
C ALA D 196 -17.80 8.92 5.54
N ARG D 197 -19.00 8.52 5.96
N ARG D 197 -19.01 8.53 5.95
CA ARG D 197 -19.49 8.85 7.30
CA ARG D 197 -19.52 8.81 7.30
C ARG D 197 -18.77 8.06 8.39
C ARG D 197 -18.71 8.08 8.35
N VAL D 198 -18.43 6.81 8.10
CA VAL D 198 -17.66 6.00 9.02
C VAL D 198 -16.22 6.57 9.19
N TYR D 199 -15.65 6.96 8.08
CA TYR D 199 -14.28 7.43 8.01
C TYR D 199 -14.21 8.81 8.68
N SER D 200 -15.20 9.66 8.44
CA SER D 200 -15.24 11.00 9.04
C SER D 200 -15.35 10.80 10.55
N TYR D 201 -16.14 9.81 10.95
CA TYR D 201 -16.29 9.47 12.36
C TYR D 201 -14.98 9.00 13.05
N ALA D 202 -14.29 8.13 12.34
CA ALA D 202 -13.03 7.54 12.78
C ALA D 202 -11.95 8.67 12.88
N LEU D 203 -11.87 9.52 11.86
CA LEU D 203 -10.99 10.72 11.87
C LEU D 203 -11.19 11.53 13.15
N ALA D 204 -12.44 11.90 13.40
CA ALA D 204 -12.78 12.67 14.61
C ALA D 204 -12.42 12.03 15.94
N LEU D 205 -12.41 10.72 16.03
CA LEU D 205 -11.96 10.08 17.27
C LEU D 205 -10.47 10.38 17.58
N LYS D 206 -9.71 10.53 16.52
CA LYS D 206 -8.33 10.92 16.62
C LYS D 206 -8.13 12.43 16.80
N HIS D 207 -8.87 13.25 16.05
CA HIS D 207 -8.70 14.71 16.10
C HIS D 207 -9.16 15.32 17.44
N ALA D 208 -10.12 14.66 18.07
CA ALA D 208 -10.72 15.16 19.31
C ALA D 208 -9.72 15.47 20.41
N ASN D 209 -10.04 16.50 21.18
CA ASN D 209 -9.34 16.87 22.41
C ASN D 209 -8.25 17.92 22.15
MG MG E . 15.76 -20.42 5.59
MG MG F . 14.94 -23.70 6.43
CL CL G . 13.03 4.55 -13.20
N1 K07 H . 40.29 -8.97 -4.40
C4 K07 H . 38.72 -4.28 -7.73
C5 K07 H . 37.52 -5.46 -6.16
C6 K07 H . 39.05 -8.57 -3.84
C7 K07 H . 40.63 -10.26 -4.35
C8 K07 H . 38.71 -10.90 -3.25
N K07 H . 38.83 -7.17 -3.90
C K07 H . 37.94 -6.45 -2.97
O K07 H . 37.70 -5.23 -7.54
C1 K07 H . 39.58 -6.39 -4.94
C2 K07 H . 38.86 -5.12 -5.47
C3 K07 H . 39.70 -4.46 -6.58
C9 K07 H . 38.22 -9.59 -3.25
N2 K07 H . 39.90 -11.27 -3.79
CL K07 H . 36.68 -9.47 -2.55
N1 K07 I . 25.30 -23.25 9.74
C4 K07 I . 20.30 -25.34 9.76
C5 K07 I . 21.46 -23.90 8.32
C6 K07 I . 25.26 -23.06 8.35
C7 K07 I . 26.20 -22.53 10.45
C8 K07 I . 27.03 -21.45 8.63
N K07 I . 24.40 -23.94 7.65
C K07 I . 24.07 -23.78 6.24
O K07 I . 20.33 -24.04 9.20
C1 K07 I . 23.79 -25.16 8.31
C2 K07 I . 22.23 -25.23 8.39
C3 K07 I . 21.74 -25.80 9.75
C9 K07 I . 26.16 -22.10 7.78
N2 K07 I . 27.08 -21.63 9.96
CL K07 I . 26.32 -21.62 6.15
C1 EDO J . 22.09 -19.33 -0.22
O1 EDO J . 21.73 -17.94 -0.34
C2 EDO J . 23.47 -19.55 -0.84
O2 EDO J . 24.47 -18.89 -0.01
C1 EDO K . 15.08 11.34 -21.21
O1 EDO K . 16.03 11.91 -20.29
C2 EDO K . 15.44 11.74 -22.66
O2 EDO K . 16.14 10.69 -23.36
MG MG L . 32.10 -3.86 -10.43
MG MG M . 34.34 -0.14 -11.18
C1 EDO N . 1.30 29.43 7.15
O1 EDO N . 0.02 29.58 6.50
C2 EDO N . 1.83 28.00 6.98
O2 EDO N . 1.75 27.56 5.61
MG MG O . -15.89 24.23 -7.10
MG MG P . -17.92 22.92 -3.49
N1 K07 Q . -23.90 21.35 -12.50
C4 K07 Q . -19.25 24.64 -10.45
C5 K07 Q . -19.70 22.49 -9.84
C6 K07 Q . -23.19 20.38 -11.75
C7 K07 Q . -25.21 21.12 -12.76
C8 K07 Q . -25.28 19.11 -11.64
N K07 Q . -21.81 20.69 -11.60
C K07 Q . -20.76 19.66 -11.35
O K07 Q . -18.92 23.62 -9.53
C1 K07 Q . -21.37 22.13 -11.78
C2 K07 Q . -19.92 22.50 -11.37
C3 K07 Q . -19.57 23.94 -11.78
C9 K07 Q . -23.94 19.21 -11.29
N2 K07 Q . -25.94 20.04 -12.37
CL K07 Q . -23.45 17.90 -10.36
MG MG R . -29.14 -2.88 5.24
MG MG S . -31.33 -2.09 5.09
#